data_2MKY
#
_entry.id   2MKY
#
_entity_poly.entity_id   1
_entity_poly.type   'polypeptide(L)'
_entity_poly.pdbx_seq_one_letter_code
;KDKDLLKGLDQEQANEVIAVLQMHNIEANKIDSGKLGYSITVAEPDFTAAVYWIKTYQ
;
_entity_poly.pdbx_strand_id   A
#
# COMPACT_ATOMS: atom_id res chain seq x y z
N LYS A 1 -1.62 -7.40 -10.07
CA LYS A 1 -1.56 -6.04 -9.50
C LYS A 1 -2.00 -6.03 -8.04
N ASP A 2 -2.10 -7.21 -7.44
CA ASP A 2 -2.55 -7.33 -6.06
C ASP A 2 -1.50 -8.05 -5.22
N LYS A 3 -0.85 -7.31 -4.33
CA LYS A 3 0.13 -7.89 -3.42
C LYS A 3 -0.06 -7.37 -2.01
N ASP A 4 0.23 -8.23 -1.05
CA ASP A 4 0.18 -7.87 0.35
C ASP A 4 1.32 -6.92 0.71
N LEU A 5 0.97 -5.68 0.96
CA LEU A 5 1.94 -4.67 1.39
C LEU A 5 1.97 -4.61 2.91
N LEU A 6 0.84 -4.96 3.51
CA LEU A 6 0.68 -4.89 4.95
C LEU A 6 -0.06 -6.13 5.44
N LYS A 7 -0.14 -6.29 6.76
CA LYS A 7 -0.93 -7.38 7.32
C LYS A 7 -1.73 -6.90 8.53
N GLY A 8 -3.04 -6.92 8.40
CA GLY A 8 -3.92 -6.57 9.50
C GLY A 8 -3.80 -5.13 9.96
N LEU A 9 -3.45 -4.23 9.04
CA LEU A 9 -3.45 -2.81 9.37
C LEU A 9 -4.79 -2.20 8.98
N ASP A 10 -5.57 -1.80 9.98
CA ASP A 10 -6.91 -1.28 9.73
C ASP A 10 -6.83 0.12 9.10
N GLN A 11 -7.99 0.68 8.79
CA GLN A 11 -8.08 1.91 8.02
C GLN A 11 -7.34 3.08 8.68
N GLU A 12 -7.38 3.12 10.00
CA GLU A 12 -6.72 4.19 10.75
C GLU A 12 -5.20 4.12 10.58
N GLN A 13 -4.68 2.90 10.53
CA GLN A 13 -3.24 2.69 10.38
C GLN A 13 -2.85 2.74 8.90
N ALA A 14 -3.74 2.25 8.05
CA ALA A 14 -3.52 2.25 6.60
C ALA A 14 -3.50 3.67 6.06
N ASN A 15 -4.08 4.60 6.81
CA ASN A 15 -4.11 6.01 6.43
C ASN A 15 -2.67 6.55 6.29
N GLU A 16 -1.77 6.02 7.10
CA GLU A 16 -0.35 6.36 7.01
C GLU A 16 0.21 5.96 5.65
N VAL A 17 -0.07 4.73 5.27
CA VAL A 17 0.48 4.15 4.05
C VAL A 17 -0.16 4.74 2.80
N ILE A 18 -1.49 4.87 2.80
CA ILE A 18 -2.18 5.43 1.65
C ILE A 18 -1.74 6.89 1.43
N ALA A 19 -1.40 7.57 2.52
CA ALA A 19 -0.98 8.96 2.45
C ALA A 19 0.35 9.11 1.72
N VAL A 20 1.35 8.33 2.14
CA VAL A 20 2.68 8.43 1.54
C VAL A 20 2.65 8.05 0.07
N LEU A 21 1.77 7.12 -0.30
CA LEU A 21 1.59 6.74 -1.70
C LEU A 21 0.90 7.86 -2.47
N GLN A 22 -0.23 8.31 -1.95
CA GLN A 22 -1.04 9.34 -2.60
C GLN A 22 -0.27 10.65 -2.74
N MET A 23 0.57 10.94 -1.74
CA MET A 23 1.37 12.16 -1.72
C MET A 23 2.25 12.28 -2.97
N HIS A 24 2.72 11.14 -3.48
CA HIS A 24 3.60 11.15 -4.64
C HIS A 24 2.82 10.96 -5.94
N ASN A 25 1.50 10.99 -5.82
CA ASN A 25 0.60 10.90 -6.98
C ASN A 25 0.83 9.60 -7.76
N ILE A 26 0.74 8.49 -7.08
CA ILE A 26 0.91 7.19 -7.69
C ILE A 26 -0.35 6.36 -7.52
N GLU A 27 -0.61 5.45 -8.46
CA GLU A 27 -1.78 4.58 -8.39
C GLU A 27 -1.78 3.78 -7.09
N ALA A 28 -2.54 4.26 -6.11
CA ALA A 28 -2.63 3.61 -4.81
C ALA A 28 -4.02 3.04 -4.59
N ASN A 29 -4.11 1.73 -4.48
CA ASN A 29 -5.38 1.06 -4.37
C ASN A 29 -5.51 0.34 -3.03
N LYS A 30 -6.64 0.53 -2.37
CA LYS A 30 -6.88 -0.09 -1.07
C LYS A 30 -7.53 -1.46 -1.26
N ILE A 31 -6.84 -2.49 -0.79
CA ILE A 31 -7.30 -3.87 -0.99
C ILE A 31 -7.68 -4.53 0.33
N ASP A 32 -8.82 -5.22 0.31
CA ASP A 32 -9.26 -6.03 1.44
C ASP A 32 -9.17 -7.51 1.10
N SER A 33 -8.72 -8.31 2.07
CA SER A 33 -8.67 -9.76 1.90
C SER A 33 -8.65 -10.44 3.27
N GLY A 34 -8.80 -11.76 3.29
CA GLY A 34 -8.91 -12.49 4.54
C GLY A 34 -7.60 -12.57 5.31
N LYS A 35 -6.53 -12.98 4.64
CA LYS A 35 -5.22 -13.13 5.29
C LYS A 35 -4.52 -11.78 5.40
N LEU A 36 -5.07 -10.80 4.72
CA LEU A 36 -4.41 -9.51 4.56
C LEU A 36 -5.06 -8.43 5.42
N GLY A 37 -6.39 -8.44 5.49
CA GLY A 37 -7.09 -7.40 6.20
C GLY A 37 -7.24 -6.16 5.33
N TYR A 38 -6.56 -5.09 5.69
CA TYR A 38 -6.48 -3.91 4.84
C TYR A 38 -5.04 -3.62 4.46
N SER A 39 -4.81 -3.39 3.18
CA SER A 39 -3.48 -3.03 2.70
C SER A 39 -3.58 -2.15 1.47
N ILE A 40 -2.43 -1.67 1.02
CA ILE A 40 -2.36 -0.78 -0.13
C ILE A 40 -1.58 -1.45 -1.24
N THR A 41 -2.18 -1.55 -2.41
CA THR A 41 -1.49 -2.09 -3.57
C THR A 41 -1.36 -0.99 -4.61
N VAL A 42 -0.45 -1.19 -5.55
CA VAL A 42 -0.19 -0.18 -6.56
C VAL A 42 -0.16 -0.80 -7.94
N ALA A 43 -0.03 0.03 -8.97
CA ALA A 43 0.16 -0.45 -10.33
C ALA A 43 1.26 -1.50 -10.36
N GLU A 44 1.03 -2.56 -11.11
CA GLU A 44 1.90 -3.74 -11.09
C GLU A 44 3.37 -3.40 -11.38
N PRO A 45 3.68 -2.61 -12.44
CA PRO A 45 5.06 -2.19 -12.74
C PRO A 45 5.61 -1.23 -11.68
N ASP A 46 4.71 -0.57 -10.96
CA ASP A 46 5.11 0.42 -9.95
C ASP A 46 5.28 -0.24 -8.59
N PHE A 47 5.30 -1.57 -8.58
CA PHE A 47 5.47 -2.36 -7.35
C PHE A 47 6.67 -1.88 -6.54
N THR A 48 7.77 -1.58 -7.23
CA THR A 48 8.99 -1.13 -6.58
C THR A 48 8.79 0.18 -5.81
N ALA A 49 7.96 1.07 -6.36
CA ALA A 49 7.74 2.37 -5.75
C ALA A 49 6.99 2.25 -4.43
N ALA A 50 5.99 1.38 -4.41
CA ALA A 50 5.20 1.15 -3.21
C ALA A 50 6.09 0.75 -2.04
N VAL A 51 6.87 -0.29 -2.24
CA VAL A 51 7.78 -0.79 -1.21
C VAL A 51 8.83 0.26 -0.87
N TYR A 52 9.22 1.04 -1.88
CA TYR A 52 10.25 2.07 -1.72
C TYR A 52 9.80 3.16 -0.76
N TRP A 53 8.54 3.57 -0.88
CA TRP A 53 8.01 4.63 -0.04
C TRP A 53 7.76 4.14 1.38
N ILE A 54 7.58 2.83 1.54
CA ILE A 54 7.32 2.27 2.86
C ILE A 54 8.62 2.07 3.64
N LYS A 55 9.74 2.19 2.94
CA LYS A 55 11.06 2.05 3.56
C LYS A 55 11.30 3.13 4.62
N THR A 56 10.62 4.26 4.46
CA THR A 56 10.76 5.37 5.40
C THR A 56 9.75 5.23 6.55
N TYR A 57 8.93 4.19 6.49
CA TYR A 57 7.93 3.95 7.51
C TYR A 57 8.32 2.71 8.35
N GLN A 58 9.47 2.14 8.04
CA GLN A 58 9.95 0.97 8.75
C GLN A 58 10.53 1.37 10.09
N LYS A 1 -3.29 -6.16 -10.95
CA LYS A 1 -3.10 -4.94 -10.12
C LYS A 1 -3.11 -5.26 -8.63
N ASP A 2 -3.04 -6.54 -8.28
CA ASP A 2 -3.10 -6.95 -6.88
C ASP A 2 -1.72 -7.31 -6.36
N LYS A 3 -1.14 -6.44 -5.55
CA LYS A 3 0.16 -6.69 -4.98
C LYS A 3 0.10 -6.72 -3.46
N ASP A 4 0.60 -7.81 -2.89
CA ASP A 4 0.60 -8.02 -1.44
C ASP A 4 1.70 -7.22 -0.76
N LEU A 5 1.30 -6.22 0.04
CA LEU A 5 2.27 -5.40 0.76
C LEU A 5 2.20 -5.62 2.27
N LEU A 6 1.07 -5.30 2.87
CA LEU A 6 0.94 -5.31 4.33
C LEU A 6 0.27 -6.59 4.78
N LYS A 7 0.17 -6.79 6.09
CA LYS A 7 -0.58 -7.90 6.64
C LYS A 7 -1.28 -7.48 7.93
N GLY A 8 -2.60 -7.47 7.92
CA GLY A 8 -3.37 -7.20 9.11
C GLY A 8 -3.51 -5.72 9.44
N LEU A 9 -2.98 -4.86 8.58
CA LEU A 9 -3.10 -3.42 8.79
C LEU A 9 -4.42 -2.92 8.23
N ASP A 10 -5.44 -2.86 9.08
CA ASP A 10 -6.77 -2.39 8.67
C ASP A 10 -6.69 -0.93 8.24
N GLN A 11 -7.74 -0.43 7.60
CA GLN A 11 -7.74 0.91 7.00
C GLN A 11 -7.33 1.99 8.00
N GLU A 12 -7.70 1.81 9.25
CA GLU A 12 -7.37 2.79 10.28
C GLU A 12 -5.86 2.86 10.50
N GLN A 13 -5.18 1.73 10.36
CA GLN A 13 -3.73 1.69 10.49
C GLN A 13 -3.08 2.00 9.14
N ALA A 14 -3.72 1.49 8.09
CA ALA A 14 -3.25 1.67 6.71
C ALA A 14 -3.35 3.13 6.28
N ASN A 15 -4.14 3.91 7.03
CA ASN A 15 -4.32 5.34 6.78
C ASN A 15 -2.99 6.04 6.55
N GLU A 16 -2.00 5.74 7.40
CA GLU A 16 -0.67 6.32 7.26
C GLU A 16 -0.02 5.86 5.96
N VAL A 17 -0.18 4.58 5.66
CA VAL A 17 0.41 3.98 4.47
C VAL A 17 -0.18 4.56 3.19
N ILE A 18 -1.51 4.56 3.07
CA ILE A 18 -2.16 5.04 1.86
C ILE A 18 -1.89 6.54 1.65
N ALA A 19 -1.58 7.23 2.73
CA ALA A 19 -1.30 8.66 2.68
C ALA A 19 -0.04 8.95 1.86
N VAL A 20 0.97 8.08 1.97
CA VAL A 20 2.23 8.31 1.26
C VAL A 20 2.04 8.08 -0.25
N LEU A 21 1.15 7.15 -0.59
CA LEU A 21 0.80 6.91 -2.00
C LEU A 21 0.09 8.13 -2.56
N GLN A 22 -0.92 8.59 -1.84
CA GLN A 22 -1.70 9.76 -2.26
C GLN A 22 -0.83 11.00 -2.37
N MET A 23 0.07 11.18 -1.40
CA MET A 23 0.95 12.34 -1.37
C MET A 23 1.87 12.38 -2.59
N HIS A 24 2.36 11.21 -3.00
CA HIS A 24 3.27 11.14 -4.14
C HIS A 24 2.51 11.03 -5.46
N ASN A 25 1.19 11.17 -5.39
CA ASN A 25 0.33 11.20 -6.59
C ASN A 25 0.42 9.88 -7.37
N ILE A 26 0.66 8.79 -6.66
CA ILE A 26 0.64 7.47 -7.29
C ILE A 26 -0.66 6.76 -6.93
N GLU A 27 -1.30 6.19 -7.93
CA GLU A 27 -2.60 5.57 -7.74
C GLU A 27 -2.50 4.31 -6.90
N ALA A 28 -3.40 4.19 -5.94
CA ALA A 28 -3.45 3.05 -5.05
C ALA A 28 -4.86 2.48 -5.01
N ASN A 29 -4.95 1.17 -4.81
CA ASN A 29 -6.24 0.49 -4.78
C ASN A 29 -6.36 -0.36 -3.52
N LYS A 30 -7.55 -0.90 -3.30
CA LYS A 30 -7.81 -1.72 -2.12
C LYS A 30 -7.79 -3.20 -2.47
N ILE A 31 -7.08 -4.00 -1.68
CA ILE A 31 -7.04 -5.44 -1.88
C ILE A 31 -7.64 -6.18 -0.70
N ASP A 32 -8.68 -6.96 -0.96
CA ASP A 32 -9.30 -7.79 0.05
C ASP A 32 -8.87 -9.24 -0.13
N SER A 33 -8.41 -9.84 0.96
CA SER A 33 -8.03 -11.25 0.97
C SER A 33 -8.21 -11.81 2.38
N GLY A 34 -8.45 -13.12 2.46
CA GLY A 34 -8.81 -13.75 3.73
C GLY A 34 -7.79 -13.54 4.84
N LYS A 35 -6.52 -13.79 4.57
CA LYS A 35 -5.50 -13.65 5.61
C LYS A 35 -4.92 -12.25 5.61
N LEU A 36 -5.24 -11.51 4.56
CA LEU A 36 -4.69 -10.18 4.36
C LEU A 36 -5.43 -9.15 5.19
N GLY A 37 -6.75 -9.19 5.11
CA GLY A 37 -7.57 -8.22 5.78
C GLY A 37 -7.63 -6.91 5.02
N TYR A 38 -6.66 -6.05 5.28
CA TYR A 38 -6.59 -4.76 4.63
C TYR A 38 -5.15 -4.41 4.26
N SER A 39 -4.93 -4.06 3.00
CA SER A 39 -3.64 -3.58 2.55
C SER A 39 -3.79 -2.64 1.36
N ILE A 40 -2.72 -1.93 1.04
CA ILE A 40 -2.71 -1.01 -0.09
C ILE A 40 -2.04 -1.67 -1.28
N THR A 41 -2.72 -1.67 -2.42
CA THR A 41 -2.15 -2.23 -3.63
C THR A 41 -1.92 -1.14 -4.66
N VAL A 42 -1.03 -1.41 -5.60
CA VAL A 42 -0.69 -0.46 -6.65
C VAL A 42 -0.61 -1.19 -7.97
N ALA A 43 -0.38 -0.43 -9.04
CA ALA A 43 -0.19 -1.00 -10.38
C ALA A 43 0.75 -2.21 -10.33
N GLU A 44 0.50 -3.17 -11.22
CA GLU A 44 1.16 -4.48 -11.17
C GLU A 44 2.68 -4.39 -11.05
N PRO A 45 3.39 -3.65 -11.94
CA PRO A 45 4.85 -3.58 -11.94
C PRO A 45 5.40 -2.51 -11.00
N ASP A 46 4.51 -1.75 -10.38
CA ASP A 46 4.93 -0.62 -9.55
C ASP A 46 5.02 -1.01 -8.07
N PHE A 47 5.22 -2.30 -7.82
CA PHE A 47 5.41 -2.80 -6.46
C PHE A 47 6.63 -2.15 -5.83
N THR A 48 7.67 -1.94 -6.63
CA THR A 48 8.90 -1.31 -6.17
C THR A 48 8.61 0.08 -5.61
N ALA A 49 7.85 0.87 -6.36
CA ALA A 49 7.48 2.21 -5.95
C ALA A 49 6.75 2.18 -4.62
N ALA A 50 5.75 1.31 -4.52
CA ALA A 50 4.96 1.15 -3.31
C ALA A 50 5.85 0.85 -2.10
N VAL A 51 6.75 -0.13 -2.26
CA VAL A 51 7.66 -0.51 -1.19
C VAL A 51 8.60 0.63 -0.83
N TYR A 52 9.02 1.39 -1.83
CA TYR A 52 9.93 2.51 -1.61
C TYR A 52 9.25 3.60 -0.77
N TRP A 53 7.97 3.81 -1.02
CA TRP A 53 7.21 4.79 -0.25
C TRP A 53 6.99 4.30 1.18
N ILE A 54 6.93 2.99 1.35
CA ILE A 54 6.85 2.40 2.68
C ILE A 54 8.20 2.49 3.36
N LYS A 55 9.26 2.43 2.57
CA LYS A 55 10.62 2.56 3.08
C LYS A 55 10.82 3.94 3.70
N THR A 56 10.21 4.96 3.10
CA THR A 56 10.32 6.31 3.62
C THR A 56 9.46 6.50 4.88
N TYR A 57 8.69 5.48 5.23
CA TYR A 57 7.90 5.51 6.45
C TYR A 57 8.62 4.80 7.59
N GLN A 58 9.85 4.39 7.31
CA GLN A 58 10.66 3.72 8.31
C GLN A 58 11.50 4.75 9.06
N LYS A 1 -2.02 -8.82 -10.09
CA LYS A 1 -1.93 -7.61 -9.25
C LYS A 1 -2.66 -7.83 -7.92
N ASP A 2 -1.91 -8.37 -6.95
CA ASP A 2 -2.48 -8.74 -5.66
C ASP A 2 -1.37 -8.88 -4.62
N LYS A 3 -0.28 -8.15 -4.83
CA LYS A 3 0.88 -8.26 -3.97
C LYS A 3 0.62 -7.54 -2.64
N ASP A 4 0.69 -8.27 -1.55
CA ASP A 4 0.40 -7.72 -0.24
C ASP A 4 1.58 -6.91 0.29
N LEU A 5 1.42 -5.59 0.25
CA LEU A 5 2.45 -4.65 0.68
C LEU A 5 2.44 -4.54 2.21
N LEU A 6 1.31 -4.88 2.80
CA LEU A 6 1.12 -4.80 4.23
C LEU A 6 0.43 -6.08 4.70
N LYS A 7 0.52 -6.39 5.99
CA LYS A 7 -0.09 -7.62 6.49
C LYS A 7 -0.81 -7.38 7.80
N GLY A 8 -2.12 -7.57 7.78
CA GLY A 8 -2.92 -7.51 8.99
C GLY A 8 -3.22 -6.09 9.42
N LEU A 9 -2.79 -5.13 8.61
CA LEU A 9 -2.97 -3.72 8.94
C LEU A 9 -4.40 -3.29 8.67
N ASP A 10 -4.98 -2.55 9.62
CA ASP A 10 -6.34 -2.05 9.47
C ASP A 10 -6.36 -0.83 8.58
N GLN A 11 -7.52 -0.53 7.99
CA GLN A 11 -7.66 0.61 7.08
C GLN A 11 -7.34 1.92 7.78
N GLU A 12 -7.63 2.00 9.08
CA GLU A 12 -7.38 3.21 9.84
C GLU A 12 -5.87 3.47 9.97
N GLN A 13 -5.10 2.39 10.01
CA GLN A 13 -3.66 2.49 10.09
C GLN A 13 -3.06 2.60 8.70
N ALA A 14 -3.78 2.06 7.71
CA ALA A 14 -3.35 2.10 6.33
C ALA A 14 -3.44 3.51 5.76
N ASN A 15 -4.22 4.37 6.42
CA ASN A 15 -4.39 5.75 5.99
C ASN A 15 -3.03 6.48 5.95
N GLU A 16 -2.20 6.20 6.95
CA GLU A 16 -0.87 6.81 7.00
C GLU A 16 0.01 6.25 5.88
N VAL A 17 -0.27 5.02 5.49
CA VAL A 17 0.50 4.36 4.43
C VAL A 17 0.08 4.89 3.06
N ILE A 18 -1.22 4.89 2.79
CA ILE A 18 -1.73 5.37 1.50
C ILE A 18 -1.39 6.85 1.31
N ALA A 19 -1.16 7.54 2.41
CA ALA A 19 -0.79 8.95 2.37
C ALA A 19 0.49 9.17 1.56
N VAL A 20 1.45 8.27 1.70
CA VAL A 20 2.72 8.43 1.00
C VAL A 20 2.55 8.19 -0.50
N LEU A 21 1.58 7.35 -0.86
CA LEU A 21 1.27 7.10 -2.25
C LEU A 21 0.50 8.28 -2.85
N GLN A 22 -0.53 8.71 -2.13
CA GLN A 22 -1.38 9.81 -2.57
C GLN A 22 -0.58 11.11 -2.67
N MET A 23 0.34 11.32 -1.74
CA MET A 23 1.17 12.52 -1.72
C MET A 23 2.02 12.62 -2.99
N HIS A 24 2.46 11.48 -3.49
CA HIS A 24 3.29 11.46 -4.69
C HIS A 24 2.44 11.29 -5.96
N ASN A 25 1.12 11.28 -5.77
CA ASN A 25 0.17 11.19 -6.88
C ASN A 25 0.36 9.92 -7.70
N ILE A 26 0.66 8.81 -7.03
CA ILE A 26 0.78 7.54 -7.73
C ILE A 26 -0.51 6.74 -7.57
N GLU A 27 -0.83 5.90 -8.55
CA GLU A 27 -2.03 5.09 -8.52
C GLU A 27 -1.99 4.10 -7.34
N ALA A 28 -2.84 4.33 -6.36
CA ALA A 28 -2.89 3.47 -5.18
C ALA A 28 -4.22 2.75 -5.08
N ASN A 29 -4.18 1.43 -5.22
CA ASN A 29 -5.39 0.61 -5.14
C ASN A 29 -5.41 -0.16 -3.82
N LYS A 30 -6.61 -0.42 -3.32
CA LYS A 30 -6.75 -1.17 -2.09
C LYS A 30 -7.04 -2.63 -2.37
N ILE A 31 -6.39 -3.51 -1.63
CA ILE A 31 -6.59 -4.94 -1.79
C ILE A 31 -7.16 -5.57 -0.53
N ASP A 32 -8.21 -6.36 -0.68
CA ASP A 32 -8.89 -6.99 0.44
C ASP A 32 -8.65 -8.50 0.45
N SER A 33 -8.04 -9.00 1.51
CA SER A 33 -7.82 -10.45 1.69
C SER A 33 -7.59 -10.74 3.18
N GLY A 34 -7.83 -12.00 3.58
CA GLY A 34 -7.67 -12.36 4.98
C GLY A 34 -6.21 -12.36 5.42
N LYS A 35 -5.35 -12.92 4.58
CA LYS A 35 -3.91 -12.94 4.83
C LYS A 35 -3.32 -11.54 4.74
N LEU A 36 -4.12 -10.61 4.29
CA LEU A 36 -3.62 -9.31 3.88
C LEU A 36 -4.14 -8.20 4.79
N GLY A 37 -5.45 -8.15 4.99
CA GLY A 37 -6.05 -7.06 5.72
C GLY A 37 -6.34 -5.90 4.80
N TYR A 38 -5.64 -4.79 4.99
CA TYR A 38 -5.72 -3.66 4.08
C TYR A 38 -4.33 -3.24 3.64
N SER A 39 -4.09 -3.29 2.34
CA SER A 39 -2.80 -2.90 1.79
C SER A 39 -2.96 -2.04 0.55
N ILE A 40 -1.86 -1.49 0.11
CA ILE A 40 -1.84 -0.61 -1.04
C ILE A 40 -1.15 -1.32 -2.20
N THR A 41 -1.91 -1.70 -3.21
CA THR A 41 -1.35 -2.37 -4.35
C THR A 41 -1.12 -1.39 -5.49
N VAL A 42 -0.02 -1.57 -6.20
CA VAL A 42 0.30 -0.76 -7.35
C VAL A 42 0.68 -1.66 -8.51
N ALA A 43 0.89 -1.07 -9.68
CA ALA A 43 1.34 -1.81 -10.84
C ALA A 43 2.64 -2.54 -10.54
N GLU A 44 2.79 -3.73 -11.09
CA GLU A 44 3.95 -4.59 -10.84
C GLU A 44 5.28 -3.86 -11.10
N PRO A 45 5.43 -3.16 -12.25
CA PRO A 45 6.65 -2.38 -12.53
C PRO A 45 6.91 -1.31 -11.48
N ASP A 46 5.85 -0.64 -11.02
CA ASP A 46 5.98 0.48 -10.11
C ASP A 46 6.01 0.01 -8.65
N PHE A 47 5.91 -1.30 -8.46
CA PHE A 47 5.87 -1.87 -7.12
C PHE A 47 7.17 -1.56 -6.37
N THR A 48 8.26 -1.46 -7.11
CA THR A 48 9.55 -1.13 -6.52
C THR A 48 9.50 0.24 -5.84
N ALA A 49 8.80 1.19 -6.46
CA ALA A 49 8.67 2.54 -5.92
C ALA A 49 7.91 2.50 -4.61
N ALA A 50 6.86 1.68 -4.57
CA ALA A 50 6.05 1.53 -3.36
C ALA A 50 6.91 1.02 -2.20
N VAL A 51 7.82 0.10 -2.51
CA VAL A 51 8.72 -0.45 -1.50
C VAL A 51 9.60 0.65 -0.91
N TYR A 52 10.13 1.53 -1.76
CA TYR A 52 10.94 2.64 -1.31
C TYR A 52 10.14 3.57 -0.40
N TRP A 53 8.89 3.83 -0.77
CA TRP A 53 8.04 4.70 0.04
C TRP A 53 7.82 4.12 1.42
N ILE A 54 7.52 2.82 1.48
CA ILE A 54 7.28 2.16 2.76
C ILE A 54 8.57 2.08 3.58
N LYS A 55 9.69 1.91 2.88
CA LYS A 55 11.00 1.91 3.53
C LYS A 55 11.31 3.27 4.13
N THR A 56 10.58 4.29 3.71
CA THR A 56 10.76 5.62 4.24
C THR A 56 9.84 5.83 5.46
N TYR A 57 8.81 5.01 5.56
CA TYR A 57 7.90 5.07 6.70
C TYR A 57 8.41 4.15 7.81
N GLN A 58 8.84 2.96 7.43
CA GLN A 58 9.33 1.97 8.39
C GLN A 58 10.85 2.02 8.45
N LYS A 1 -2.26 -7.30 -10.29
CA LYS A 1 -2.58 -6.30 -9.27
C LYS A 1 -3.18 -7.00 -8.06
N ASP A 2 -2.29 -7.52 -7.21
CA ASP A 2 -2.70 -8.48 -6.18
C ASP A 2 -1.58 -8.71 -5.17
N LYS A 3 -0.71 -7.73 -5.04
CA LYS A 3 0.50 -7.92 -4.24
C LYS A 3 0.30 -7.48 -2.80
N ASP A 4 0.41 -8.43 -1.89
CA ASP A 4 0.27 -8.18 -0.45
C ASP A 4 1.34 -7.20 0.02
N LEU A 5 0.95 -5.97 0.28
CA LEU A 5 1.88 -4.96 0.75
C LEU A 5 1.93 -4.97 2.27
N LEU A 6 0.81 -4.67 2.88
CA LEU A 6 0.68 -4.64 4.34
C LEU A 6 -0.22 -5.78 4.79
N LYS A 7 0.16 -6.44 5.87
CA LYS A 7 -0.63 -7.56 6.38
C LYS A 7 -1.02 -7.33 7.83
N GLY A 8 -2.31 -7.24 8.09
CA GLY A 8 -2.80 -7.12 9.45
C GLY A 8 -3.13 -5.68 9.83
N LEU A 9 -3.11 -4.79 8.85
CA LEU A 9 -3.38 -3.38 9.12
C LEU A 9 -4.79 -3.01 8.69
N ASP A 10 -5.50 -2.33 9.58
CA ASP A 10 -6.81 -1.79 9.25
C ASP A 10 -6.62 -0.45 8.54
N GLN A 11 -7.70 0.12 8.00
CA GLN A 11 -7.64 1.37 7.24
C GLN A 11 -7.07 2.52 8.06
N GLU A 12 -7.37 2.52 9.36
CA GLU A 12 -6.89 3.57 10.24
C GLU A 12 -5.38 3.45 10.48
N GLN A 13 -4.87 2.23 10.41
CA GLN A 13 -3.44 1.98 10.57
C GLN A 13 -2.74 2.14 9.23
N ALA A 14 -3.39 1.64 8.18
CA ALA A 14 -2.89 1.75 6.81
C ALA A 14 -2.90 3.20 6.36
N ASN A 15 -3.68 4.02 7.06
CA ASN A 15 -3.77 5.46 6.78
C ASN A 15 -2.38 6.09 6.72
N GLU A 16 -1.50 5.64 7.62
CA GLU A 16 -0.12 6.10 7.67
C GLU A 16 0.59 5.85 6.33
N VAL A 17 0.24 4.75 5.71
CA VAL A 17 0.90 4.30 4.49
C VAL A 17 0.25 4.92 3.26
N ILE A 18 -1.08 4.83 3.17
CA ILE A 18 -1.81 5.30 1.99
C ILE A 18 -1.51 6.78 1.70
N ALA A 19 -1.31 7.55 2.76
CA ALA A 19 -0.99 8.97 2.63
C ALA A 19 0.31 9.15 1.83
N VAL A 20 1.26 8.26 2.08
CA VAL A 20 2.55 8.27 1.39
C VAL A 20 2.37 8.05 -0.11
N LEU A 21 1.57 7.05 -0.47
CA LEU A 21 1.34 6.72 -1.87
C LEU A 21 0.65 7.87 -2.59
N GLN A 22 -0.41 8.40 -1.98
CA GLN A 22 -1.17 9.50 -2.58
C GLN A 22 -0.29 10.74 -2.71
N MET A 23 0.64 10.91 -1.77
CA MET A 23 1.56 12.03 -1.78
C MET A 23 2.49 11.98 -2.99
N HIS A 24 2.77 10.78 -3.45
CA HIS A 24 3.68 10.60 -4.58
C HIS A 24 2.91 10.44 -5.89
N ASN A 25 1.59 10.61 -5.80
CA ASN A 25 0.71 10.51 -6.97
C ASN A 25 0.91 9.19 -7.70
N ILE A 26 1.02 8.11 -6.93
CA ILE A 26 1.09 6.78 -7.51
C ILE A 26 -0.27 6.10 -7.37
N GLU A 27 -0.68 5.42 -8.41
CA GLU A 27 -2.02 4.84 -8.47
C GLU A 27 -2.19 3.72 -7.45
N ALA A 28 -2.97 3.99 -6.42
CA ALA A 28 -3.19 3.01 -5.36
C ALA A 28 -4.57 2.39 -5.48
N ASN A 29 -4.61 1.06 -5.41
CA ASN A 29 -5.85 0.31 -5.43
C ASN A 29 -6.09 -0.32 -4.07
N LYS A 30 -7.34 -0.57 -3.75
CA LYS A 30 -7.72 -1.04 -2.42
C LYS A 30 -7.96 -2.55 -2.42
N ILE A 31 -7.10 -3.28 -1.71
CA ILE A 31 -7.25 -4.73 -1.59
C ILE A 31 -7.52 -5.13 -0.14
N ASP A 32 -8.69 -5.72 0.09
CA ASP A 32 -9.05 -6.21 1.41
C ASP A 32 -9.09 -7.74 1.42
N SER A 33 -8.62 -8.34 2.51
CA SER A 33 -8.66 -9.80 2.68
C SER A 33 -8.49 -10.15 4.15
N GLY A 34 -8.79 -11.39 4.50
CA GLY A 34 -8.60 -11.85 5.88
C GLY A 34 -7.13 -11.95 6.23
N LYS A 35 -6.36 -12.51 5.30
CA LYS A 35 -4.90 -12.65 5.47
C LYS A 35 -4.20 -11.29 5.40
N LEU A 36 -4.91 -10.30 4.90
CA LEU A 36 -4.30 -9.05 4.47
C LEU A 36 -4.72 -7.88 5.35
N GLY A 37 -6.01 -7.76 5.60
CA GLY A 37 -6.54 -6.56 6.21
C GLY A 37 -6.92 -5.57 5.13
N TYR A 38 -6.35 -4.39 5.20
CA TYR A 38 -6.51 -3.41 4.13
C TYR A 38 -5.14 -3.00 3.63
N SER A 39 -4.87 -3.27 2.36
CA SER A 39 -3.55 -3.06 1.82
C SER A 39 -3.58 -2.11 0.62
N ILE A 40 -2.40 -1.60 0.27
CA ILE A 40 -2.25 -0.72 -0.87
C ILE A 40 -1.57 -1.46 -2.02
N THR A 41 -2.33 -1.87 -3.02
CA THR A 41 -1.73 -2.47 -4.20
C THR A 41 -1.65 -1.43 -5.30
N VAL A 42 -0.50 -1.37 -5.94
CA VAL A 42 -0.27 -0.43 -7.02
C VAL A 42 -0.09 -1.19 -8.32
N ALA A 43 0.03 -0.45 -9.41
CA ALA A 43 0.29 -1.05 -10.72
C ALA A 43 1.37 -2.13 -10.61
N GLU A 44 1.15 -3.25 -11.29
CA GLU A 44 1.98 -4.45 -11.14
C GLU A 44 3.48 -4.14 -11.29
N PRO A 45 3.92 -3.49 -12.39
CA PRO A 45 5.33 -3.16 -12.58
C PRO A 45 5.79 -2.03 -11.66
N ASP A 46 4.84 -1.27 -11.15
CA ASP A 46 5.14 -0.12 -10.30
C ASP A 46 5.20 -0.52 -8.83
N PHE A 47 5.00 -1.81 -8.57
CA PHE A 47 5.07 -2.33 -7.21
C PHE A 47 6.45 -2.09 -6.61
N THR A 48 7.46 -2.02 -7.50
CA THR A 48 8.82 -1.72 -7.10
C THR A 48 8.89 -0.40 -6.34
N ALA A 49 8.16 0.59 -6.81
CA ALA A 49 8.16 1.91 -6.19
C ALA A 49 7.48 1.88 -4.84
N ALA A 50 6.33 1.20 -4.78
CA ALA A 50 5.53 1.10 -3.56
C ALA A 50 6.38 0.63 -2.38
N VAL A 51 7.17 -0.42 -2.61
CA VAL A 51 8.01 -0.99 -1.57
C VAL A 51 8.99 0.03 -1.01
N TYR A 52 9.58 0.82 -1.89
CA TYR A 52 10.59 1.79 -1.49
C TYR A 52 9.98 3.02 -0.84
N TRP A 53 8.71 3.29 -1.13
CA TRP A 53 8.01 4.37 -0.46
C TRP A 53 7.76 4.01 1.00
N ILE A 54 7.54 2.72 1.25
CA ILE A 54 7.35 2.23 2.61
C ILE A 54 8.67 2.35 3.38
N LYS A 55 9.77 2.33 2.65
CA LYS A 55 11.10 2.46 3.24
C LYS A 55 11.30 3.83 3.88
N THR A 56 10.44 4.76 3.53
CA THR A 56 10.54 6.11 4.06
C THR A 56 9.73 6.23 5.36
N TYR A 57 9.03 5.17 5.72
CA TYR A 57 8.26 5.16 6.96
C TYR A 57 9.14 4.62 8.08
N GLN A 58 9.86 5.52 8.72
CA GLN A 58 10.80 5.16 9.79
C GLN A 58 10.16 5.38 11.15
N LYS A 1 -2.65 -7.61 -9.30
CA LYS A 1 -2.81 -6.42 -8.43
C LYS A 1 -3.10 -6.83 -6.99
N ASP A 2 -2.42 -7.88 -6.54
CA ASP A 2 -2.58 -8.38 -5.18
C ASP A 2 -1.22 -8.58 -4.52
N LYS A 3 -0.46 -7.48 -4.41
CA LYS A 3 0.86 -7.53 -3.78
C LYS A 3 0.72 -7.14 -2.31
N ASP A 4 1.17 -8.01 -1.42
CA ASP A 4 1.10 -7.72 0.00
C ASP A 4 2.16 -6.69 0.37
N LEU A 5 1.73 -5.46 0.58
CA LEU A 5 2.65 -4.37 0.89
C LEU A 5 2.72 -4.15 2.40
N LEU A 6 1.62 -4.42 3.07
CA LEU A 6 1.54 -4.29 4.52
C LEU A 6 0.99 -5.60 5.09
N LYS A 7 1.17 -5.82 6.38
CA LYS A 7 0.67 -7.05 6.99
C LYS A 7 -0.03 -6.76 8.32
N GLY A 8 -1.33 -7.04 8.37
CA GLY A 8 -2.06 -6.99 9.62
C GLY A 8 -2.45 -5.59 10.06
N LEU A 9 -2.26 -4.60 9.18
CA LEU A 9 -2.56 -3.22 9.53
C LEU A 9 -4.06 -2.93 9.47
N ASP A 10 -4.47 -1.91 10.23
CA ASP A 10 -5.85 -1.50 10.29
C ASP A 10 -6.09 -0.28 9.36
N GLN A 11 -7.35 0.07 9.18
CA GLN A 11 -7.77 1.18 8.32
C GLN A 11 -7.05 2.47 8.69
N GLU A 12 -7.00 2.80 9.98
CA GLU A 12 -6.41 4.05 10.41
C GLU A 12 -4.90 4.07 10.18
N GLN A 13 -4.29 2.90 10.24
CA GLN A 13 -2.85 2.77 10.03
C GLN A 13 -2.54 2.86 8.55
N ALA A 14 -3.37 2.21 7.74
CA ALA A 14 -3.22 2.23 6.29
C ALA A 14 -3.56 3.60 5.73
N ASN A 15 -4.32 4.37 6.49
CA ASN A 15 -4.67 5.73 6.11
C ASN A 15 -3.43 6.59 5.94
N GLU A 16 -2.49 6.46 6.87
CA GLU A 16 -1.22 7.17 6.78
C GLU A 16 -0.42 6.67 5.58
N VAL A 17 -0.45 5.36 5.39
CA VAL A 17 0.32 4.71 4.33
C VAL A 17 -0.19 5.15 2.96
N ILE A 18 -1.50 5.07 2.75
CA ILE A 18 -2.09 5.41 1.46
C ILE A 18 -1.84 6.88 1.13
N ALA A 19 -1.74 7.72 2.16
CA ALA A 19 -1.44 9.14 1.98
C ALA A 19 -0.07 9.29 1.34
N VAL A 20 0.88 8.46 1.78
CA VAL A 20 2.23 8.45 1.23
C VAL A 20 2.20 8.10 -0.26
N LEU A 21 1.39 7.11 -0.62
CA LEU A 21 1.24 6.72 -2.01
C LEU A 21 0.53 7.81 -2.81
N GLN A 22 -0.55 8.34 -2.23
CA GLN A 22 -1.39 9.31 -2.91
C GLN A 22 -0.63 10.61 -3.18
N MET A 23 0.17 11.05 -2.22
CA MET A 23 0.95 12.28 -2.37
C MET A 23 2.08 12.09 -3.39
N HIS A 24 2.35 10.83 -3.72
CA HIS A 24 3.37 10.52 -4.70
C HIS A 24 2.74 10.30 -6.07
N ASN A 25 1.42 10.44 -6.12
CA ASN A 25 0.67 10.41 -7.37
C ASN A 25 0.81 9.07 -8.09
N ILE A 26 1.04 8.02 -7.32
CA ILE A 26 1.18 6.68 -7.89
C ILE A 26 -0.14 5.92 -7.80
N GLU A 27 -0.37 5.02 -8.76
CA GLU A 27 -1.57 4.20 -8.77
C GLU A 27 -1.65 3.34 -7.51
N ALA A 28 -2.51 3.74 -6.58
CA ALA A 28 -2.66 3.04 -5.32
C ALA A 28 -4.01 2.37 -5.22
N ASN A 29 -4.00 1.09 -4.90
CA ASN A 29 -5.22 0.33 -4.71
C ASN A 29 -5.31 -0.14 -3.26
N LYS A 30 -6.53 -0.31 -2.78
CA LYS A 30 -6.75 -0.78 -1.42
C LYS A 30 -7.21 -2.23 -1.43
N ILE A 31 -6.41 -3.11 -0.84
CA ILE A 31 -6.74 -4.53 -0.80
C ILE A 31 -7.40 -4.88 0.53
N ASP A 32 -8.64 -5.32 0.43
CA ASP A 32 -9.40 -5.74 1.60
C ASP A 32 -9.57 -7.25 1.59
N SER A 33 -8.81 -7.93 2.44
CA SER A 33 -8.80 -9.38 2.50
C SER A 33 -8.67 -9.86 3.95
N GLY A 34 -9.36 -10.94 4.27
CA GLY A 34 -9.36 -11.45 5.63
C GLY A 34 -7.99 -11.90 6.11
N LYS A 35 -7.17 -12.36 5.18
CA LYS A 35 -5.83 -12.82 5.51
C LYS A 35 -4.93 -11.67 5.99
N LEU A 36 -5.16 -10.50 5.44
CA LEU A 36 -4.19 -9.41 5.57
C LEU A 36 -4.74 -8.26 6.39
N GLY A 37 -6.04 -8.05 6.34
CA GLY A 37 -6.64 -6.91 7.01
C GLY A 37 -6.81 -5.75 6.06
N TYR A 38 -6.14 -4.65 6.35
CA TYR A 38 -6.16 -3.48 5.48
C TYR A 38 -4.75 -3.11 5.06
N SER A 39 -4.50 -3.11 3.77
CA SER A 39 -3.18 -2.79 3.24
C SER A 39 -3.28 -2.13 1.88
N ILE A 40 -2.18 -1.56 1.43
CA ILE A 40 -2.11 -0.88 0.14
C ILE A 40 -1.49 -1.81 -0.88
N THR A 41 -1.84 -1.62 -2.14
CA THR A 41 -1.19 -2.34 -3.21
C THR A 41 -1.09 -1.43 -4.44
N VAL A 42 -0.24 -1.78 -5.37
CA VAL A 42 -0.01 -0.96 -6.55
C VAL A 42 -0.20 -1.77 -7.81
N ALA A 43 -0.16 -1.09 -8.95
CA ALA A 43 -0.26 -1.74 -10.24
C ALA A 43 0.95 -2.64 -10.48
N GLU A 44 0.86 -3.47 -11.52
CA GLU A 44 1.93 -4.43 -11.84
C GLU A 44 3.29 -3.74 -12.05
N PRO A 45 3.39 -2.73 -12.94
CA PRO A 45 4.67 -2.06 -13.24
C PRO A 45 5.14 -1.16 -12.11
N ASP A 46 4.20 -0.74 -11.28
CA ASP A 46 4.49 0.24 -10.22
C ASP A 46 4.92 -0.46 -8.93
N PHE A 47 5.10 -1.77 -9.01
CA PHE A 47 5.49 -2.58 -7.85
C PHE A 47 6.78 -2.07 -7.20
N THR A 48 7.73 -1.67 -8.03
CA THR A 48 9.05 -1.27 -7.56
C THR A 48 9.00 0.03 -6.74
N ALA A 49 7.99 0.86 -7.00
CA ALA A 49 7.88 2.14 -6.33
C ALA A 49 7.33 1.98 -4.92
N ALA A 50 6.37 1.06 -4.76
CA ALA A 50 5.73 0.82 -3.47
C ALA A 50 6.74 0.52 -2.37
N VAL A 51 7.76 -0.25 -2.72
CA VAL A 51 8.79 -0.65 -1.76
C VAL A 51 9.47 0.55 -1.10
N TYR A 52 9.88 1.51 -1.93
CA TYR A 52 10.60 2.68 -1.43
C TYR A 52 9.68 3.62 -0.67
N TRP A 53 8.41 3.61 -1.00
CA TRP A 53 7.46 4.49 -0.32
C TRP A 53 7.19 3.97 1.09
N ILE A 54 7.16 2.65 1.24
CA ILE A 54 7.00 2.04 2.55
C ILE A 54 8.29 2.18 3.36
N LYS A 55 9.42 2.14 2.65
CA LYS A 55 10.73 2.35 3.25
C LYS A 55 10.80 3.74 3.91
N THR A 56 9.98 4.64 3.41
CA THR A 56 9.96 6.01 3.92
C THR A 56 8.91 6.19 5.02
N TYR A 57 8.09 5.17 5.21
CA TYR A 57 7.02 5.22 6.21
C TYR A 57 7.58 4.99 7.60
N GLN A 58 8.44 3.99 7.73
CA GLN A 58 9.06 3.68 9.01
C GLN A 58 10.45 4.30 9.08
N LYS A 1 -1.82 -6.75 -10.86
CA LYS A 1 -1.73 -6.00 -9.60
C LYS A 1 -2.07 -6.93 -8.43
N ASP A 2 -2.62 -6.37 -7.36
CA ASP A 2 -3.10 -7.16 -6.21
C ASP A 2 -1.94 -7.78 -5.46
N LYS A 3 -0.81 -7.09 -5.48
CA LYS A 3 0.38 -7.54 -4.77
C LYS A 3 0.22 -7.26 -3.27
N ASP A 4 0.50 -8.27 -2.46
CA ASP A 4 0.37 -8.13 -1.01
C ASP A 4 1.46 -7.20 -0.50
N LEU A 5 1.10 -5.98 -0.16
CA LEU A 5 2.08 -4.99 0.27
C LEU A 5 2.20 -4.97 1.79
N LEU A 6 1.09 -5.10 2.47
CA LEU A 6 1.06 -5.06 3.92
C LEU A 6 0.48 -6.37 4.45
N LYS A 7 0.71 -6.66 5.72
CA LYS A 7 0.17 -7.86 6.33
C LYS A 7 -0.64 -7.53 7.57
N GLY A 8 -1.94 -7.83 7.51
CA GLY A 8 -2.81 -7.70 8.67
C GLY A 8 -2.78 -6.33 9.30
N LEU A 9 -2.89 -5.29 8.48
CA LEU A 9 -2.90 -3.93 8.99
C LEU A 9 -4.27 -3.31 8.75
N ASP A 10 -4.85 -2.74 9.80
CA ASP A 10 -6.15 -2.10 9.69
C ASP A 10 -6.02 -0.70 9.09
N GLN A 11 -7.11 -0.20 8.51
CA GLN A 11 -7.09 1.06 7.77
C GLN A 11 -6.66 2.25 8.64
N GLU A 12 -6.94 2.19 9.94
CA GLU A 12 -6.57 3.28 10.84
C GLU A 12 -5.07 3.51 10.82
N GLN A 13 -4.31 2.42 10.83
CA GLN A 13 -2.86 2.52 10.77
C GLN A 13 -2.38 2.59 9.32
N ALA A 14 -3.16 2.00 8.42
CA ALA A 14 -2.86 2.05 7.00
C ALA A 14 -2.94 3.47 6.47
N ASN A 15 -3.64 4.33 7.20
CA ASN A 15 -3.73 5.76 6.86
C ASN A 15 -2.34 6.38 6.73
N GLU A 16 -1.44 5.95 7.61
CA GLU A 16 -0.08 6.46 7.62
C GLU A 16 0.70 5.91 6.43
N VAL A 17 0.24 4.79 5.91
CA VAL A 17 0.90 4.12 4.80
C VAL A 17 0.39 4.64 3.46
N ILE A 18 -0.93 4.65 3.30
CA ILE A 18 -1.54 5.05 2.04
C ILE A 18 -1.16 6.47 1.65
N ALA A 19 -0.84 7.29 2.66
CA ALA A 19 -0.44 8.67 2.44
C ALA A 19 0.79 8.76 1.54
N VAL A 20 1.76 7.87 1.75
CA VAL A 20 3.01 7.92 1.00
C VAL A 20 2.80 7.47 -0.45
N LEU A 21 1.72 6.75 -0.71
CA LEU A 21 1.38 6.36 -2.06
C LEU A 21 0.62 7.50 -2.76
N GLN A 22 -0.50 7.89 -2.17
CA GLN A 22 -1.41 8.85 -2.79
C GLN A 22 -0.75 10.21 -2.98
N MET A 23 -0.03 10.68 -1.97
CA MET A 23 0.59 12.00 -2.00
C MET A 23 1.64 12.10 -3.12
N HIS A 24 2.24 10.97 -3.47
CA HIS A 24 3.29 10.97 -4.47
C HIS A 24 2.75 10.62 -5.84
N ASN A 25 1.42 10.52 -5.92
CA ASN A 25 0.71 10.35 -7.19
C ASN A 25 1.07 9.05 -7.89
N ILE A 26 1.47 8.05 -7.13
CA ILE A 26 1.70 6.73 -7.68
C ILE A 26 0.37 5.98 -7.71
N GLU A 27 0.24 5.04 -8.65
CA GLU A 27 -0.98 4.24 -8.77
C GLU A 27 -1.31 3.57 -7.45
N ALA A 28 -2.24 4.14 -6.71
CA ALA A 28 -2.61 3.64 -5.41
C ALA A 28 -4.01 3.05 -5.43
N ASN A 29 -4.09 1.76 -5.22
CA ASN A 29 -5.35 1.05 -5.19
C ASN A 29 -5.49 0.32 -3.87
N LYS A 30 -6.72 0.06 -3.46
CA LYS A 30 -6.99 -0.56 -2.17
C LYS A 30 -7.53 -1.97 -2.33
N ILE A 31 -6.74 -2.96 -1.95
CA ILE A 31 -7.14 -4.35 -2.08
C ILE A 31 -7.67 -4.90 -0.77
N ASP A 32 -8.83 -5.52 -0.83
CA ASP A 32 -9.37 -6.25 0.31
C ASP A 32 -9.30 -7.74 0.04
N SER A 33 -8.83 -8.49 1.01
CA SER A 33 -8.70 -9.93 0.86
C SER A 33 -8.88 -10.62 2.21
N GLY A 34 -9.36 -11.86 2.17
CA GLY A 34 -9.62 -12.60 3.40
C GLY A 34 -8.37 -12.86 4.20
N LYS A 35 -7.28 -13.21 3.52
CA LYS A 35 -6.02 -13.54 4.19
C LYS A 35 -5.24 -12.27 4.52
N LEU A 36 -5.67 -11.15 3.95
CA LEU A 36 -4.86 -9.94 3.96
C LEU A 36 -5.49 -8.83 4.80
N GLY A 37 -6.76 -8.55 4.55
CA GLY A 37 -7.42 -7.45 5.22
C GLY A 37 -7.31 -6.16 4.43
N TYR A 38 -6.46 -5.27 4.90
CA TYR A 38 -6.26 -3.98 4.24
C TYR A 38 -4.83 -3.85 3.74
N SER A 39 -4.68 -3.63 2.45
CA SER A 39 -3.36 -3.37 1.86
C SER A 39 -3.49 -2.46 0.65
N ILE A 40 -2.37 -1.85 0.29
CA ILE A 40 -2.31 -0.96 -0.86
C ILE A 40 -1.65 -1.69 -2.02
N THR A 41 -2.28 -1.64 -3.18
CA THR A 41 -1.69 -2.25 -4.36
C THR A 41 -1.42 -1.18 -5.39
N VAL A 42 -0.32 -1.35 -6.10
CA VAL A 42 0.03 -0.46 -7.19
C VAL A 42 -0.02 -1.24 -8.49
N ALA A 43 0.15 -0.54 -9.60
CA ALA A 43 0.24 -1.19 -10.90
C ALA A 43 1.46 -2.12 -10.92
N GLU A 44 1.39 -3.17 -11.73
CA GLU A 44 2.41 -4.22 -11.74
C GLU A 44 3.83 -3.67 -11.89
N PRO A 45 4.11 -2.82 -12.92
CA PRO A 45 5.46 -2.27 -13.13
C PRO A 45 5.86 -1.25 -12.07
N ASP A 46 4.89 -0.79 -11.28
CA ASP A 46 5.14 0.25 -10.29
C ASP A 46 5.39 -0.34 -8.90
N PHE A 47 5.39 -1.66 -8.82
CA PHE A 47 5.56 -2.36 -7.54
C PHE A 47 6.91 -2.01 -6.92
N THR A 48 7.91 -1.81 -7.77
CA THR A 48 9.26 -1.45 -7.33
C THR A 48 9.25 -0.14 -6.53
N ALA A 49 8.35 0.76 -6.89
CA ALA A 49 8.26 2.05 -6.22
C ALA A 49 7.45 1.93 -4.94
N ALA A 50 6.43 1.09 -4.97
CA ALA A 50 5.58 0.87 -3.80
C ALA A 50 6.41 0.46 -2.59
N VAL A 51 7.27 -0.53 -2.79
CA VAL A 51 8.12 -1.02 -1.71
C VAL A 51 9.05 0.10 -1.21
N TYR A 52 9.52 0.92 -2.15
CA TYR A 52 10.44 2.00 -1.82
C TYR A 52 9.76 3.02 -0.91
N TRP A 53 8.48 3.29 -1.18
CA TRP A 53 7.72 4.24 -0.38
C TRP A 53 7.46 3.71 1.02
N ILE A 54 7.21 2.41 1.12
CA ILE A 54 6.98 1.78 2.43
C ILE A 54 8.25 1.84 3.27
N LYS A 55 9.39 1.85 2.59
CA LYS A 55 10.67 1.95 3.27
C LYS A 55 10.89 3.33 3.85
N THR A 56 10.11 4.29 3.38
CA THR A 56 10.21 5.66 3.86
C THR A 56 9.35 5.86 5.12
N TYR A 57 8.55 4.84 5.42
CA TYR A 57 7.73 4.86 6.63
C TYR A 57 8.62 4.68 7.86
N GLN A 58 8.34 5.45 8.91
CA GLN A 58 9.16 5.43 10.10
C GLN A 58 8.82 4.23 10.98
N LYS A 1 -2.38 -8.16 -10.62
CA LYS A 1 -3.00 -7.14 -9.76
C LYS A 1 -3.02 -7.62 -8.31
N ASP A 2 -1.94 -8.23 -7.88
CA ASP A 2 -1.94 -8.96 -6.60
C ASP A 2 -0.59 -8.91 -5.90
N LYS A 3 0.13 -7.81 -6.04
CA LYS A 3 1.41 -7.67 -5.38
C LYS A 3 1.23 -7.18 -3.95
N ASP A 4 1.62 -8.01 -2.98
CA ASP A 4 1.43 -7.69 -1.58
C ASP A 4 2.36 -6.57 -1.15
N LEU A 5 1.79 -5.52 -0.60
CA LEU A 5 2.58 -4.41 -0.08
C LEU A 5 2.59 -4.42 1.44
N LEU A 6 1.58 -5.05 2.03
CA LEU A 6 1.41 -5.08 3.48
C LEU A 6 0.95 -6.47 3.92
N LYS A 7 1.13 -6.78 5.19
CA LYS A 7 0.60 -8.02 5.76
C LYS A 7 -0.19 -7.75 7.03
N GLY A 8 -1.48 -8.02 6.98
CA GLY A 8 -2.30 -7.93 8.17
C GLY A 8 -2.40 -6.52 8.74
N LEU A 9 -2.75 -5.57 7.89
CA LEU A 9 -2.97 -4.20 8.35
C LEU A 9 -4.45 -3.87 8.27
N ASP A 10 -4.89 -2.99 9.16
CA ASP A 10 -6.27 -2.57 9.20
C ASP A 10 -6.45 -1.27 8.42
N GLN A 11 -7.70 -0.85 8.24
CA GLN A 11 -8.01 0.34 7.45
C GLN A 11 -7.32 1.58 8.01
N GLU A 12 -7.28 1.69 9.33
CA GLU A 12 -6.67 2.85 9.98
C GLU A 12 -5.17 2.90 9.71
N GLN A 13 -4.56 1.73 9.54
CA GLN A 13 -3.14 1.65 9.27
C GLN A 13 -2.87 1.96 7.81
N ALA A 14 -3.72 1.41 6.95
CA ALA A 14 -3.58 1.60 5.51
C ALA A 14 -3.82 3.06 5.12
N ASN A 15 -4.47 3.80 5.99
CA ASN A 15 -4.77 5.21 5.76
C ASN A 15 -3.48 6.00 5.53
N GLU A 16 -2.47 5.75 6.35
CA GLU A 16 -1.19 6.43 6.22
C GLU A 16 -0.42 5.87 5.02
N VAL A 17 -0.60 4.58 4.78
CA VAL A 17 0.09 3.90 3.70
C VAL A 17 -0.38 4.41 2.33
N ILE A 18 -1.68 4.45 2.11
CA ILE A 18 -2.23 4.90 0.83
C ILE A 18 -1.94 6.38 0.61
N ALA A 19 -1.75 7.11 1.71
CA ALA A 19 -1.50 8.54 1.66
C ALA A 19 -0.22 8.86 0.91
N VAL A 20 0.84 8.09 1.15
CA VAL A 20 2.13 8.36 0.52
C VAL A 20 2.08 8.00 -0.97
N LEU A 21 1.25 7.03 -1.32
CA LEU A 21 1.07 6.68 -2.73
C LEU A 21 0.30 7.78 -3.45
N GLN A 22 -0.84 8.15 -2.88
CA GLN A 22 -1.69 9.18 -3.47
C GLN A 22 -0.97 10.52 -3.52
N MET A 23 -0.08 10.74 -2.54
CA MET A 23 0.78 11.92 -2.51
C MET A 23 1.64 12.01 -3.76
N HIS A 24 2.06 10.86 -4.28
CA HIS A 24 2.91 10.81 -5.45
C HIS A 24 2.10 10.57 -6.72
N ASN A 25 0.79 10.80 -6.62
CA ASN A 25 -0.11 10.81 -7.77
C ASN A 25 -0.18 9.45 -8.47
N ILE A 26 0.21 8.39 -7.77
CA ILE A 26 0.08 7.05 -8.32
C ILE A 26 -1.19 6.40 -7.78
N GLU A 27 -2.00 5.86 -8.68
CA GLU A 27 -3.28 5.28 -8.32
C GLU A 27 -3.10 4.03 -7.47
N ALA A 28 -3.68 4.06 -6.28
CA ALA A 28 -3.62 2.94 -5.37
C ALA A 28 -4.96 2.24 -5.29
N ASN A 29 -4.93 0.94 -5.46
CA ASN A 29 -6.13 0.11 -5.40
C ASN A 29 -6.13 -0.70 -4.10
N LYS A 30 -7.22 -1.43 -3.88
CA LYS A 30 -7.42 -2.13 -2.63
C LYS A 30 -7.32 -3.65 -2.83
N ILE A 31 -6.40 -4.28 -2.12
CA ILE A 31 -6.35 -5.74 -2.08
C ILE A 31 -6.78 -6.22 -0.70
N ASP A 32 -7.98 -6.77 -0.64
CA ASP A 32 -8.54 -7.24 0.62
C ASP A 32 -8.60 -8.76 0.64
N SER A 33 -8.33 -9.34 1.80
CA SER A 33 -8.41 -10.78 1.97
C SER A 33 -8.66 -11.10 3.45
N GLY A 34 -9.17 -12.30 3.71
CA GLY A 34 -9.49 -12.69 5.07
C GLY A 34 -8.27 -12.66 5.99
N LYS A 35 -7.14 -13.15 5.49
CA LYS A 35 -5.91 -13.17 6.28
C LYS A 35 -5.12 -11.89 6.09
N LEU A 36 -5.08 -11.40 4.86
CA LEU A 36 -4.25 -10.25 4.53
C LEU A 36 -4.81 -8.96 5.15
N GLY A 37 -6.13 -8.90 5.27
CA GLY A 37 -6.76 -7.71 5.81
C GLY A 37 -6.83 -6.60 4.78
N TYR A 38 -6.38 -5.41 5.16
CA TYR A 38 -6.35 -4.28 4.25
C TYR A 38 -4.92 -4.01 3.80
N SER A 39 -4.69 -4.10 2.50
CA SER A 39 -3.39 -3.81 1.94
C SER A 39 -3.53 -2.99 0.67
N ILE A 40 -2.48 -2.29 0.29
CA ILE A 40 -2.51 -1.42 -0.87
C ILE A 40 -1.84 -2.08 -2.05
N THR A 41 -2.54 -2.15 -3.17
CA THR A 41 -1.94 -2.58 -4.41
C THR A 41 -1.91 -1.40 -5.37
N VAL A 42 -0.80 -1.23 -6.04
CA VAL A 42 -0.66 -0.14 -6.99
C VAL A 42 -0.54 -0.71 -8.39
N ALA A 43 -0.51 0.16 -9.40
CA ALA A 43 -0.18 -0.27 -10.74
C ALA A 43 0.99 -1.24 -10.69
N GLU A 44 0.72 -2.48 -11.06
CA GLU A 44 1.65 -3.59 -10.84
C GLU A 44 3.05 -3.32 -11.43
N PRO A 45 3.16 -2.78 -12.67
CA PRO A 45 4.48 -2.41 -13.23
C PRO A 45 5.20 -1.33 -12.41
N ASP A 46 4.45 -0.63 -11.57
CA ASP A 46 5.00 0.44 -10.74
C ASP A 46 5.03 0.02 -9.27
N PHE A 47 4.92 -1.28 -9.03
CA PHE A 47 4.96 -1.82 -7.67
C PHE A 47 6.30 -1.47 -7.01
N THR A 48 7.32 -1.32 -7.83
CA THR A 48 8.65 -0.93 -7.36
C THR A 48 8.59 0.37 -6.56
N ALA A 49 7.74 1.30 -7.00
CA ALA A 49 7.58 2.58 -6.34
C ALA A 49 6.87 2.41 -5.01
N ALA A 50 5.84 1.57 -5.01
CA ALA A 50 5.07 1.29 -3.79
C ALA A 50 5.98 0.85 -2.66
N VAL A 51 6.84 -0.13 -2.95
CA VAL A 51 7.76 -0.67 -1.96
C VAL A 51 8.72 0.41 -1.46
N TYR A 52 9.22 1.22 -2.39
CA TYR A 52 10.21 2.24 -2.07
C TYR A 52 9.62 3.32 -1.16
N TRP A 53 8.38 3.71 -1.42
CA TRP A 53 7.72 4.72 -0.61
C TRP A 53 7.44 4.19 0.79
N ILE A 54 6.92 2.96 0.86
CA ILE A 54 6.58 2.35 2.14
C ILE A 54 7.83 2.04 2.96
N LYS A 55 8.94 1.82 2.26
CA LYS A 55 10.22 1.56 2.92
C LYS A 55 10.67 2.80 3.69
N THR A 56 10.15 3.94 3.27
CA THR A 56 10.49 5.21 3.90
C THR A 56 9.52 5.54 5.04
N TYR A 57 8.46 4.74 5.15
CA TYR A 57 7.52 4.88 6.25
C TYR A 57 8.12 4.27 7.52
N GLN A 58 8.81 5.09 8.29
CA GLN A 58 9.45 4.65 9.52
C GLN A 58 9.29 5.72 10.58
N LYS A 1 -1.74 -7.20 -9.66
CA LYS A 1 -2.33 -6.07 -8.91
C LYS A 1 -2.81 -6.52 -7.54
N ASP A 2 -2.28 -7.64 -7.06
CA ASP A 2 -2.73 -8.22 -5.79
C ASP A 2 -1.56 -8.55 -4.89
N LYS A 3 -0.43 -7.89 -5.12
CA LYS A 3 0.75 -8.10 -4.30
C LYS A 3 0.62 -7.35 -3.00
N ASP A 4 0.72 -8.06 -1.89
CA ASP A 4 0.61 -7.44 -0.57
C ASP A 4 1.92 -6.74 -0.22
N LEU A 5 1.80 -5.46 0.10
CA LEU A 5 2.97 -4.63 0.39
C LEU A 5 3.20 -4.55 1.90
N LEU A 6 2.14 -4.78 2.67
CA LEU A 6 2.20 -4.65 4.12
C LEU A 6 1.66 -5.92 4.78
N LYS A 7 1.87 -6.06 6.09
CA LYS A 7 1.47 -7.26 6.80
C LYS A 7 0.45 -6.94 7.89
N GLY A 8 -0.77 -7.46 7.73
CA GLY A 8 -1.80 -7.38 8.77
C GLY A 8 -2.01 -5.98 9.33
N LEU A 9 -2.51 -5.07 8.51
CA LEU A 9 -2.75 -3.71 8.96
C LEU A 9 -4.24 -3.39 8.97
N ASP A 10 -4.67 -2.68 10.01
CA ASP A 10 -6.04 -2.19 10.10
C ASP A 10 -6.20 -0.95 9.22
N GLN A 11 -7.44 -0.57 8.95
CA GLN A 11 -7.74 0.57 8.10
C GLN A 11 -7.08 1.85 8.64
N GLU A 12 -7.06 2.02 9.96
CA GLU A 12 -6.46 3.20 10.57
C GLU A 12 -4.95 3.23 10.36
N GLN A 13 -4.31 2.06 10.43
CA GLN A 13 -2.87 1.96 10.19
C GLN A 13 -2.57 2.12 8.71
N ALA A 14 -3.45 1.58 7.86
CA ALA A 14 -3.28 1.66 6.43
C ALA A 14 -3.40 3.09 5.94
N ASN A 15 -4.20 3.89 6.66
CA ASN A 15 -4.39 5.30 6.32
C ASN A 15 -3.05 6.05 6.37
N GLU A 16 -2.21 5.67 7.32
CA GLU A 16 -0.89 6.28 7.47
C GLU A 16 -0.05 6.06 6.22
N VAL A 17 -0.18 4.87 5.63
CA VAL A 17 0.61 4.51 4.48
C VAL A 17 0.02 5.08 3.18
N ILE A 18 -1.30 4.95 3.02
CA ILE A 18 -1.96 5.42 1.79
C ILE A 18 -1.81 6.93 1.64
N ALA A 19 -1.71 7.62 2.78
CA ALA A 19 -1.47 9.06 2.77
C ALA A 19 -0.13 9.37 2.11
N VAL A 20 0.87 8.56 2.42
CA VAL A 20 2.18 8.69 1.80
C VAL A 20 2.10 8.46 0.29
N LEU A 21 1.44 7.39 -0.12
CA LEU A 21 1.30 7.07 -1.53
C LEU A 21 0.69 8.24 -2.30
N GLN A 22 -0.45 8.73 -1.84
CA GLN A 22 -1.14 9.82 -2.52
C GLN A 22 -0.36 11.13 -2.41
N MET A 23 0.39 11.30 -1.33
CA MET A 23 1.21 12.49 -1.16
C MET A 23 2.37 12.50 -2.14
N HIS A 24 2.70 11.32 -2.65
CA HIS A 24 3.78 11.17 -3.63
C HIS A 24 3.21 11.12 -5.05
N ASN A 25 1.90 11.37 -5.15
CA ASN A 25 1.20 11.41 -6.44
C ASN A 25 1.30 10.10 -7.20
N ILE A 26 1.38 8.99 -6.47
CA ILE A 26 1.41 7.69 -7.10
C ILE A 26 0.14 6.91 -6.77
N GLU A 27 -0.33 6.13 -7.73
CA GLU A 27 -1.56 5.37 -7.57
C GLU A 27 -1.45 4.37 -6.42
N ALA A 28 -2.46 4.36 -5.59
CA ALA A 28 -2.53 3.45 -4.46
C ALA A 28 -3.82 2.65 -4.53
N ASN A 29 -3.70 1.35 -4.72
CA ASN A 29 -4.85 0.48 -4.81
C ASN A 29 -5.00 -0.31 -3.53
N LYS A 30 -6.22 -0.74 -3.24
CA LYS A 30 -6.48 -1.49 -2.03
C LYS A 30 -6.46 -2.98 -2.33
N ILE A 31 -5.96 -3.76 -1.38
CA ILE A 31 -6.05 -5.20 -1.44
C ILE A 31 -6.80 -5.73 -0.24
N ASP A 32 -8.12 -5.83 -0.39
CA ASP A 32 -8.97 -6.31 0.68
C ASP A 32 -9.00 -7.83 0.70
N SER A 33 -8.51 -8.39 1.80
CA SER A 33 -8.48 -9.83 1.97
C SER A 33 -8.49 -10.17 3.46
N GLY A 34 -9.23 -11.21 3.83
CA GLY A 34 -9.31 -11.62 5.22
C GLY A 34 -7.97 -12.00 5.80
N LYS A 35 -7.10 -12.56 4.96
CA LYS A 35 -5.74 -12.93 5.35
C LYS A 35 -4.91 -11.72 5.75
N LEU A 36 -5.26 -10.56 5.20
CA LEU A 36 -4.40 -9.38 5.31
C LEU A 36 -5.06 -8.27 6.13
N GLY A 37 -6.26 -7.90 5.75
CA GLY A 37 -6.90 -6.73 6.32
C GLY A 37 -6.93 -5.61 5.32
N TYR A 38 -6.22 -4.52 5.61
CA TYR A 38 -6.13 -3.40 4.69
C TYR A 38 -4.67 -3.02 4.46
N SER A 39 -4.27 -3.06 3.20
CA SER A 39 -2.92 -2.68 2.82
C SER A 39 -2.90 -2.09 1.41
N ILE A 40 -1.78 -1.54 1.03
CA ILE A 40 -1.66 -0.87 -0.27
C ILE A 40 -1.07 -1.83 -1.31
N THR A 41 -1.56 -1.73 -2.53
CA THR A 41 -0.97 -2.44 -3.64
C THR A 41 -0.86 -1.50 -4.84
N VAL A 42 -0.05 -1.87 -5.81
CA VAL A 42 0.20 -1.02 -6.97
C VAL A 42 0.19 -1.83 -8.24
N ALA A 43 0.26 -1.14 -9.38
CA ALA A 43 0.35 -1.80 -10.66
C ALA A 43 1.68 -2.50 -10.81
N GLU A 44 1.76 -3.45 -11.72
CA GLU A 44 2.94 -4.28 -11.91
C GLU A 44 4.21 -3.44 -12.11
N PRO A 45 4.23 -2.49 -13.08
CA PRO A 45 5.42 -1.65 -13.32
C PRO A 45 5.63 -0.58 -12.26
N ASP A 46 4.66 -0.43 -11.36
CA ASP A 46 4.75 0.58 -10.31
C ASP A 46 5.21 -0.06 -9.00
N PHE A 47 5.45 -1.37 -9.04
CA PHE A 47 5.82 -2.14 -7.87
C PHE A 47 7.08 -1.57 -7.20
N THR A 48 8.10 -1.29 -7.99
CA THR A 48 9.37 -0.80 -7.47
C THR A 48 9.19 0.54 -6.75
N ALA A 49 8.31 1.39 -7.27
CA ALA A 49 8.09 2.71 -6.71
C ALA A 49 7.48 2.61 -5.32
N ALA A 50 6.52 1.70 -5.16
CA ALA A 50 5.88 1.47 -3.86
C ALA A 50 6.92 1.13 -2.80
N VAL A 51 7.89 0.30 -3.17
CA VAL A 51 8.95 -0.13 -2.25
C VAL A 51 9.75 1.07 -1.75
N TYR A 52 10.15 1.94 -2.67
CA TYR A 52 10.95 3.11 -2.32
C TYR A 52 10.21 4.03 -1.35
N TRP A 53 8.92 4.20 -1.58
CA TRP A 53 8.13 5.08 -0.74
C TRP A 53 7.97 4.49 0.66
N ILE A 54 7.78 3.18 0.73
CA ILE A 54 7.63 2.50 2.01
C ILE A 54 8.92 2.57 2.83
N LYS A 55 10.07 2.46 2.15
CA LYS A 55 11.37 2.59 2.80
C LYS A 55 11.49 3.95 3.47
N THR A 56 10.88 4.95 2.85
CA THR A 56 10.99 6.31 3.31
C THR A 56 9.93 6.60 4.39
N TYR A 57 8.93 5.72 4.46
CA TYR A 57 7.86 5.86 5.44
C TYR A 57 8.31 5.35 6.80
N GLN A 58 8.98 4.19 6.83
CA GLN A 58 9.39 3.58 8.08
C GLN A 58 10.66 4.23 8.61
N LYS A 1 -2.90 -5.92 -9.42
CA LYS A 1 -3.11 -7.26 -8.86
C LYS A 1 -2.76 -7.25 -7.37
N ASP A 2 -3.24 -8.26 -6.64
CA ASP A 2 -3.05 -8.32 -5.19
C ASP A 2 -1.59 -8.53 -4.82
N LYS A 3 -0.83 -7.45 -4.77
CA LYS A 3 0.51 -7.50 -4.23
C LYS A 3 0.48 -6.93 -2.83
N ASP A 4 0.75 -7.77 -1.84
CA ASP A 4 0.59 -7.38 -0.45
C ASP A 4 1.80 -6.62 0.04
N LEU A 5 1.63 -5.32 0.19
CA LEU A 5 2.67 -4.45 0.71
C LEU A 5 2.71 -4.54 2.23
N LEU A 6 1.57 -4.30 2.85
CA LEU A 6 1.47 -4.32 4.30
C LEU A 6 1.04 -5.70 4.77
N LYS A 7 1.20 -5.97 6.06
CA LYS A 7 0.78 -7.24 6.63
C LYS A 7 0.16 -7.02 8.01
N GLY A 8 -1.13 -7.33 8.13
CA GLY A 8 -1.79 -7.27 9.43
C GLY A 8 -2.13 -5.87 9.88
N LEU A 9 -2.31 -4.95 8.93
CA LEU A 9 -2.66 -3.57 9.27
C LEU A 9 -4.14 -3.31 9.03
N ASP A 10 -4.69 -2.38 9.79
CA ASP A 10 -6.08 -1.96 9.60
C ASP A 10 -6.12 -0.63 8.84
N GLN A 11 -7.31 -0.15 8.52
CA GLN A 11 -7.47 1.04 7.70
C GLN A 11 -6.88 2.27 8.39
N GLU A 12 -7.02 2.33 9.71
CA GLU A 12 -6.52 3.45 10.48
C GLU A 12 -5.01 3.62 10.33
N GLN A 13 -4.29 2.51 10.27
CA GLN A 13 -2.84 2.55 10.08
C GLN A 13 -2.50 2.61 8.60
N ALA A 14 -3.32 1.97 7.77
CA ALA A 14 -3.13 2.00 6.31
C ALA A 14 -3.26 3.43 5.80
N ASN A 15 -4.03 4.24 6.51
CA ASN A 15 -4.22 5.64 6.16
C ASN A 15 -2.88 6.38 6.16
N GLU A 16 -2.04 6.09 7.15
CA GLU A 16 -0.73 6.73 7.27
C GLU A 16 0.19 6.27 6.15
N VAL A 17 -0.04 5.04 5.69
CA VAL A 17 0.74 4.45 4.62
C VAL A 17 0.31 5.02 3.26
N ILE A 18 -0.99 4.97 2.98
CA ILE A 18 -1.51 5.43 1.69
C ILE A 18 -1.30 6.94 1.54
N ALA A 19 -1.11 7.62 2.67
CA ALA A 19 -0.86 9.05 2.66
C ALA A 19 0.39 9.41 1.87
N VAL A 20 1.41 8.57 1.94
CA VAL A 20 2.66 8.84 1.25
C VAL A 20 2.50 8.58 -0.25
N LEU A 21 1.59 7.67 -0.61
CA LEU A 21 1.28 7.43 -2.02
C LEU A 21 0.47 8.59 -2.58
N GLN A 22 -0.50 9.03 -1.79
CA GLN A 22 -1.33 10.17 -2.16
C GLN A 22 -0.48 11.42 -2.35
N MET A 23 0.45 11.62 -1.41
CA MET A 23 1.34 12.79 -1.45
C MET A 23 2.31 12.69 -2.62
N HIS A 24 2.52 11.47 -3.12
CA HIS A 24 3.40 11.27 -4.26
C HIS A 24 2.59 11.28 -5.55
N ASN A 25 1.29 11.51 -5.41
CA ASN A 25 0.38 11.64 -6.56
C ASN A 25 0.31 10.35 -7.38
N ILE A 26 0.43 9.22 -6.71
CA ILE A 26 0.30 7.94 -7.37
C ILE A 26 -0.95 7.21 -6.87
N GLU A 27 -1.75 6.71 -7.80
CA GLU A 27 -2.98 6.01 -7.45
C GLU A 27 -2.68 4.60 -6.95
N ALA A 28 -3.28 4.27 -5.82
CA ALA A 28 -3.07 2.96 -5.21
C ALA A 28 -4.38 2.18 -5.17
N ASN A 29 -4.27 0.86 -5.20
CA ASN A 29 -5.44 -0.01 -5.21
C ASN A 29 -5.62 -0.67 -3.84
N LYS A 30 -6.81 -1.19 -3.60
CA LYS A 30 -7.14 -1.78 -2.31
C LYS A 30 -7.12 -3.30 -2.38
N ILE A 31 -6.35 -3.92 -1.51
CA ILE A 31 -6.33 -5.36 -1.41
C ILE A 31 -6.86 -5.82 -0.05
N ASP A 32 -8.10 -6.27 -0.04
CA ASP A 32 -8.73 -6.74 1.19
C ASP A 32 -8.69 -8.27 1.26
N SER A 33 -8.20 -8.78 2.37
CA SER A 33 -8.19 -10.21 2.62
C SER A 33 -8.23 -10.46 4.13
N GLY A 34 -8.77 -11.60 4.54
CA GLY A 34 -8.91 -11.90 5.95
C GLY A 34 -7.58 -11.95 6.70
N LYS A 35 -6.61 -12.64 6.12
CA LYS A 35 -5.29 -12.79 6.76
C LYS A 35 -4.46 -11.52 6.59
N LEU A 36 -4.93 -10.61 5.75
CA LEU A 36 -4.14 -9.46 5.36
C LEU A 36 -4.65 -8.19 6.04
N GLY A 37 -5.96 -8.00 6.01
CA GLY A 37 -6.54 -6.78 6.55
C GLY A 37 -6.59 -5.68 5.52
N TYR A 38 -6.08 -4.52 5.87
CA TYR A 38 -6.01 -3.40 4.96
C TYR A 38 -4.57 -3.18 4.51
N SER A 39 -4.34 -3.29 3.21
CA SER A 39 -3.02 -3.07 2.67
C SER A 39 -3.09 -2.31 1.36
N ILE A 40 -2.00 -1.63 1.02
CA ILE A 40 -1.94 -0.86 -0.21
C ILE A 40 -1.28 -1.67 -1.30
N THR A 41 -1.85 -1.66 -2.49
CA THR A 41 -1.25 -2.32 -3.62
C THR A 41 -1.20 -1.37 -4.82
N VAL A 42 -0.36 -1.69 -5.78
CA VAL A 42 -0.19 -0.87 -6.97
C VAL A 42 0.00 -1.75 -8.18
N ALA A 43 0.04 -1.14 -9.35
CA ALA A 43 0.31 -1.88 -10.59
C ALA A 43 1.57 -2.72 -10.44
N GLU A 44 1.53 -3.93 -10.99
CA GLU A 44 2.61 -4.91 -10.86
C GLU A 44 4.01 -4.32 -11.07
N PRO A 45 4.27 -3.59 -12.18
CA PRO A 45 5.60 -3.03 -12.45
C PRO A 45 5.96 -1.89 -11.49
N ASP A 46 4.94 -1.25 -10.91
CA ASP A 46 5.16 -0.10 -10.05
C ASP A 46 5.37 -0.53 -8.61
N PHE A 47 5.40 -1.84 -8.39
CA PHE A 47 5.61 -2.41 -7.06
C PHE A 47 6.93 -1.92 -6.47
N THR A 48 7.93 -1.78 -7.32
CA THR A 48 9.26 -1.32 -6.90
C THR A 48 9.18 0.08 -6.27
N ALA A 49 8.22 0.88 -6.70
CA ALA A 49 8.06 2.23 -6.18
C ALA A 49 7.38 2.20 -4.81
N ALA A 50 6.32 1.38 -4.71
CA ALA A 50 5.58 1.24 -3.47
C ALA A 50 6.50 0.85 -2.32
N VAL A 51 7.32 -0.17 -2.56
CA VAL A 51 8.27 -0.65 -1.55
C VAL A 51 9.24 0.46 -1.15
N TYR A 52 9.69 1.22 -2.14
CA TYR A 52 10.69 2.25 -1.91
C TYR A 52 10.16 3.35 -0.99
N TRP A 53 8.95 3.82 -1.28
CA TRP A 53 8.36 4.91 -0.50
C TRP A 53 8.04 4.46 0.92
N ILE A 54 7.53 3.25 1.06
CA ILE A 54 7.16 2.72 2.36
C ILE A 54 8.39 2.42 3.20
N LYS A 55 9.48 2.03 2.55
CA LYS A 55 10.75 1.80 3.23
C LYS A 55 11.23 3.08 3.89
N THR A 56 10.80 4.21 3.34
CA THR A 56 11.18 5.51 3.87
C THR A 56 10.38 5.83 5.13
N TYR A 57 9.20 5.23 5.26
CA TYR A 57 8.33 5.46 6.40
C TYR A 57 8.90 4.80 7.66
N GLN A 58 9.46 3.61 7.50
CA GLN A 58 9.98 2.86 8.62
C GLN A 58 11.46 2.57 8.44
N LYS A 1 -2.36 -4.51 -8.23
CA LYS A 1 -3.03 -5.75 -8.66
C LYS A 1 -2.71 -6.91 -7.72
N ASP A 2 -3.66 -7.22 -6.83
CA ASP A 2 -3.62 -8.44 -5.99
C ASP A 2 -2.52 -8.43 -4.93
N LYS A 3 -1.29 -8.16 -5.33
CA LYS A 3 -0.13 -8.28 -4.46
C LYS A 3 -0.33 -7.48 -3.18
N ASP A 4 -0.36 -8.19 -2.05
CA ASP A 4 -0.54 -7.57 -0.76
C ASP A 4 0.73 -6.88 -0.32
N LEU A 5 0.62 -5.61 0.00
CA LEU A 5 1.75 -4.80 0.43
C LEU A 5 1.86 -4.82 1.94
N LEU A 6 0.76 -5.16 2.59
CA LEU A 6 0.67 -5.10 4.04
C LEU A 6 -0.16 -6.27 4.55
N LYS A 7 0.10 -6.68 5.79
CA LYS A 7 -0.60 -7.83 6.37
C LYS A 7 -1.12 -7.48 7.76
N GLY A 8 -2.44 -7.50 7.91
CA GLY A 8 -3.04 -7.31 9.23
C GLY A 8 -3.26 -5.86 9.58
N LEU A 9 -3.28 -5.00 8.57
CA LEU A 9 -3.50 -3.58 8.79
C LEU A 9 -4.94 -3.21 8.49
N ASP A 10 -5.48 -2.25 9.23
CA ASP A 10 -6.83 -1.77 9.00
C ASP A 10 -6.80 -0.44 8.26
N GLN A 11 -7.98 0.10 7.95
CA GLN A 11 -8.07 1.37 7.25
C GLN A 11 -7.42 2.48 8.06
N GLU A 12 -7.58 2.42 9.37
CA GLU A 12 -6.99 3.40 10.28
C GLU A 12 -5.46 3.39 10.16
N GLN A 13 -4.89 2.24 9.85
CA GLN A 13 -3.44 2.12 9.69
C GLN A 13 -3.03 2.47 8.25
N ALA A 14 -3.82 1.99 7.30
CA ALA A 14 -3.58 2.24 5.88
C ALA A 14 -3.72 3.73 5.55
N ASN A 15 -4.41 4.45 6.43
CA ASN A 15 -4.61 5.89 6.29
C ASN A 15 -3.29 6.63 6.13
N GLU A 16 -2.25 6.18 6.84
CA GLU A 16 -0.93 6.77 6.71
C GLU A 16 -0.24 6.24 5.45
N VAL A 17 -0.46 4.96 5.18
CA VAL A 17 0.15 4.28 4.06
C VAL A 17 -0.25 4.92 2.73
N ILE A 18 -1.53 5.10 2.51
CA ILE A 18 -2.02 5.65 1.26
C ILE A 18 -1.73 7.15 1.16
N ALA A 19 -1.49 7.77 2.32
CA ALA A 19 -1.21 9.21 2.35
C ALA A 19 0.08 9.54 1.61
N VAL A 20 1.09 8.68 1.75
CA VAL A 20 2.37 8.92 1.08
C VAL A 20 2.25 8.62 -0.41
N LEU A 21 1.31 7.74 -0.76
CA LEU A 21 1.06 7.42 -2.16
C LEU A 21 0.31 8.58 -2.83
N GLN A 22 -0.71 9.09 -2.16
CA GLN A 22 -1.51 10.19 -2.68
C GLN A 22 -0.67 11.44 -2.88
N MET A 23 0.29 11.66 -1.99
CA MET A 23 1.17 12.83 -2.08
C MET A 23 2.04 12.75 -3.34
N HIS A 24 2.45 11.54 -3.71
CA HIS A 24 3.25 11.34 -4.91
C HIS A 24 2.35 11.15 -6.13
N ASN A 25 1.05 11.05 -5.88
CA ASN A 25 0.05 10.93 -6.94
C ASN A 25 0.27 9.65 -7.76
N ILE A 26 0.79 8.62 -7.11
CA ILE A 26 0.97 7.32 -7.75
C ILE A 26 -0.34 6.56 -7.71
N GLU A 27 -0.61 5.76 -8.74
CA GLU A 27 -1.87 5.03 -8.83
C GLU A 27 -2.01 4.03 -7.68
N ALA A 28 -2.91 4.32 -6.76
CA ALA A 28 -3.16 3.45 -5.63
C ALA A 28 -4.38 2.57 -5.89
N ASN A 29 -4.19 1.27 -5.81
CA ASN A 29 -5.27 0.31 -6.00
C ASN A 29 -5.65 -0.26 -4.65
N LYS A 30 -6.86 -0.79 -4.53
CA LYS A 30 -7.36 -1.22 -3.23
C LYS A 30 -7.58 -2.74 -3.21
N ILE A 31 -7.19 -3.37 -2.09
CA ILE A 31 -7.38 -4.80 -1.92
C ILE A 31 -7.86 -5.12 -0.50
N ASP A 32 -8.96 -5.86 -0.41
CA ASP A 32 -9.42 -6.40 0.86
C ASP A 32 -9.25 -7.91 0.88
N SER A 33 -8.68 -8.45 1.95
CA SER A 33 -8.48 -9.88 2.09
C SER A 33 -8.38 -10.26 3.57
N GLY A 34 -8.61 -11.53 3.88
CA GLY A 34 -8.54 -12.00 5.25
C GLY A 34 -7.12 -11.94 5.80
N LYS A 35 -6.17 -12.40 4.99
CA LYS A 35 -4.75 -12.39 5.37
C LYS A 35 -4.20 -10.97 5.47
N LEU A 36 -4.95 -10.03 4.92
CA LEU A 36 -4.43 -8.69 4.71
C LEU A 36 -5.15 -7.65 5.56
N GLY A 37 -6.47 -7.76 5.65
CA GLY A 37 -7.25 -6.73 6.31
C GLY A 37 -7.65 -5.64 5.36
N TYR A 38 -7.15 -4.44 5.59
CA TYR A 38 -7.33 -3.34 4.66
C TYR A 38 -5.97 -2.78 4.31
N SER A 39 -5.59 -2.89 3.05
CA SER A 39 -4.27 -2.47 2.62
C SER A 39 -4.27 -2.01 1.17
N ILE A 40 -3.10 -1.60 0.71
CA ILE A 40 -2.95 -1.02 -0.61
C ILE A 40 -2.20 -1.97 -1.54
N THR A 41 -2.52 -1.90 -2.82
CA THR A 41 -1.75 -2.56 -3.85
C THR A 41 -1.55 -1.57 -4.99
N VAL A 42 -0.56 -1.78 -5.83
CA VAL A 42 -0.28 -0.85 -6.91
C VAL A 42 -0.12 -1.60 -8.22
N ALA A 43 -0.04 -0.84 -9.30
CA ALA A 43 0.24 -1.42 -10.60
C ALA A 43 1.56 -2.16 -10.58
N GLU A 44 1.65 -3.22 -11.35
CA GLU A 44 2.84 -4.06 -11.37
C GLU A 44 4.13 -3.26 -11.65
N PRO A 45 4.16 -2.38 -12.68
CA PRO A 45 5.33 -1.53 -12.93
C PRO A 45 5.60 -0.54 -11.79
N ASP A 46 4.54 -0.10 -11.13
CA ASP A 46 4.66 0.91 -10.07
C ASP A 46 4.96 0.27 -8.72
N PHE A 47 5.11 -1.06 -8.72
CA PHE A 47 5.36 -1.81 -7.48
C PHE A 47 6.66 -1.37 -6.83
N THR A 48 7.60 -0.90 -7.66
CA THR A 48 8.89 -0.43 -7.19
C THR A 48 8.74 0.71 -6.19
N ALA A 49 7.81 1.62 -6.49
CA ALA A 49 7.62 2.80 -5.67
C ALA A 49 6.87 2.49 -4.38
N ALA A 50 5.95 1.52 -4.46
CA ALA A 50 5.15 1.13 -3.30
C ALA A 50 6.04 0.72 -2.13
N VAL A 51 6.93 -0.23 -2.37
CA VAL A 51 7.83 -0.71 -1.33
C VAL A 51 8.83 0.38 -0.95
N TYR A 52 9.12 1.25 -1.90
CA TYR A 52 10.09 2.33 -1.70
C TYR A 52 9.56 3.34 -0.69
N TRP A 53 8.29 3.72 -0.82
CA TRP A 53 7.69 4.72 0.05
C TRP A 53 7.44 4.15 1.45
N ILE A 54 6.86 2.96 1.50
CA ILE A 54 6.41 2.35 2.77
C ILE A 54 7.60 1.92 3.62
N LYS A 55 8.80 1.98 3.04
CA LYS A 55 10.03 1.65 3.77
C LYS A 55 10.24 2.62 4.94
N THR A 56 9.64 3.81 4.83
CA THR A 56 9.76 4.82 5.88
C THR A 56 8.78 4.55 7.03
N TYR A 57 7.81 3.68 6.78
CA TYR A 57 6.83 3.35 7.80
C TYR A 57 7.19 2.04 8.49
N GLN A 58 7.64 2.15 9.73
CA GLN A 58 8.07 1.00 10.50
C GLN A 58 7.49 1.09 11.90
N LYS A 1 -2.90 -5.89 -10.76
CA LYS A 1 -2.75 -4.84 -9.74
C LYS A 1 -2.80 -5.47 -8.34
N ASP A 2 -2.17 -6.63 -8.18
CA ASP A 2 -2.23 -7.36 -6.92
C ASP A 2 -0.84 -7.64 -6.37
N LYS A 3 -0.43 -6.86 -5.37
CA LYS A 3 0.81 -7.13 -4.66
C LYS A 3 0.58 -6.99 -3.15
N ASP A 4 0.95 -8.02 -2.42
CA ASP A 4 0.83 -8.00 -0.96
C ASP A 4 1.95 -7.18 -0.34
N LEU A 5 1.61 -5.99 0.13
CA LEU A 5 2.60 -5.05 0.63
C LEU A 5 2.79 -5.19 2.14
N LEU A 6 1.68 -5.17 2.88
CA LEU A 6 1.74 -5.27 4.33
C LEU A 6 1.02 -6.53 4.80
N LYS A 7 1.10 -6.84 6.08
CA LYS A 7 0.48 -8.04 6.64
C LYS A 7 -0.15 -7.76 7.99
N GLY A 8 -1.47 -7.90 8.08
CA GLY A 8 -2.14 -7.85 9.38
C GLY A 8 -2.86 -6.53 9.62
N LEU A 9 -2.32 -5.44 9.09
CA LEU A 9 -2.87 -4.11 9.34
C LEU A 9 -4.28 -3.98 8.75
N ASP A 10 -5.13 -3.22 9.42
CA ASP A 10 -6.47 -2.97 8.94
C ASP A 10 -6.52 -1.60 8.24
N GLN A 11 -7.69 -1.23 7.73
CA GLN A 11 -7.85 0.00 6.95
C GLN A 11 -7.35 1.22 7.74
N GLU A 12 -7.77 1.31 9.00
CA GLU A 12 -7.42 2.44 9.86
C GLU A 12 -5.91 2.59 10.03
N GLN A 13 -5.19 1.48 9.99
CA GLN A 13 -3.74 1.51 10.10
C GLN A 13 -3.09 1.72 8.74
N ALA A 14 -3.74 1.20 7.70
CA ALA A 14 -3.27 1.36 6.34
C ALA A 14 -3.40 2.81 5.88
N ASN A 15 -4.24 3.57 6.57
CA ASN A 15 -4.43 4.99 6.31
C ASN A 15 -3.09 5.73 6.29
N GLU A 16 -2.25 5.46 7.27
CA GLU A 16 -0.94 6.10 7.38
C GLU A 16 -0.06 5.72 6.18
N VAL A 17 -0.33 4.56 5.62
CA VAL A 17 0.44 4.04 4.51
C VAL A 17 -0.07 4.61 3.20
N ILE A 18 -1.37 4.47 2.95
CA ILE A 18 -1.97 4.90 1.69
C ILE A 18 -1.78 6.39 1.46
N ALA A 19 -1.62 7.14 2.55
CA ALA A 19 -1.39 8.57 2.48
C ALA A 19 -0.15 8.89 1.64
N VAL A 20 0.91 8.11 1.81
CA VAL A 20 2.15 8.38 1.11
C VAL A 20 2.07 7.95 -0.35
N LEU A 21 1.22 6.96 -0.64
CA LEU A 21 0.99 6.54 -2.01
C LEU A 21 0.19 7.61 -2.74
N GLN A 22 -0.90 8.06 -2.12
CA GLN A 22 -1.72 9.13 -2.66
C GLN A 22 -0.87 10.38 -2.88
N MET A 23 0.02 10.64 -1.92
CA MET A 23 0.92 11.78 -1.97
C MET A 23 1.80 11.75 -3.22
N HIS A 24 2.14 10.54 -3.67
CA HIS A 24 3.01 10.38 -4.84
C HIS A 24 2.21 10.24 -6.12
N ASN A 25 0.88 10.33 -6.00
CA ASN A 25 -0.02 10.25 -7.16
C ASN A 25 0.10 8.91 -7.88
N ILE A 26 0.61 7.92 -7.17
CA ILE A 26 0.76 6.57 -7.72
C ILE A 26 -0.53 5.79 -7.50
N GLU A 27 -0.80 4.84 -8.39
CA GLU A 27 -1.97 3.98 -8.27
C GLU A 27 -2.00 3.29 -6.91
N ALA A 28 -2.87 3.75 -6.03
CA ALA A 28 -3.00 3.17 -4.71
C ALA A 28 -4.33 2.45 -4.59
N ASN A 29 -4.27 1.14 -4.46
CA ASN A 29 -5.46 0.33 -4.38
C ASN A 29 -5.49 -0.42 -3.04
N LYS A 30 -6.66 -0.52 -2.44
CA LYS A 30 -6.78 -1.13 -1.13
C LYS A 30 -7.23 -2.59 -1.25
N ILE A 31 -6.30 -3.51 -1.05
CA ILE A 31 -6.62 -4.93 -1.09
C ILE A 31 -7.01 -5.45 0.29
N ASP A 32 -8.20 -6.02 0.37
CA ASP A 32 -8.69 -6.59 1.61
C ASP A 32 -8.72 -8.11 1.51
N SER A 33 -8.27 -8.76 2.55
CA SER A 33 -8.28 -10.22 2.63
C SER A 33 -8.30 -10.66 4.09
N GLY A 34 -8.54 -11.94 4.32
CA GLY A 34 -8.59 -12.45 5.69
C GLY A 34 -7.21 -12.79 6.21
N LYS A 35 -6.37 -13.31 5.33
CA LYS A 35 -5.01 -13.70 5.70
C LYS A 35 -4.10 -12.48 5.71
N LEU A 36 -4.42 -11.51 4.86
CA LEU A 36 -3.57 -10.35 4.65
C LEU A 36 -4.07 -9.14 5.45
N GLY A 37 -5.38 -9.02 5.58
CA GLY A 37 -5.96 -7.86 6.22
C GLY A 37 -6.21 -6.76 5.21
N TYR A 38 -5.49 -5.66 5.35
CA TYR A 38 -5.54 -4.57 4.40
C TYR A 38 -4.13 -4.15 4.00
N SER A 39 -3.93 -3.91 2.71
CA SER A 39 -2.66 -3.42 2.22
C SER A 39 -2.84 -2.53 1.01
N ILE A 40 -1.79 -1.82 0.67
CA ILE A 40 -1.83 -0.90 -0.46
C ILE A 40 -1.13 -1.53 -1.65
N THR A 41 -1.90 -1.91 -2.64
CA THR A 41 -1.35 -2.52 -3.84
C THR A 41 -1.30 -1.49 -4.96
N VAL A 42 -0.37 -1.69 -5.87
CA VAL A 42 -0.19 -0.76 -6.98
C VAL A 42 -0.19 -1.50 -8.30
N ALA A 43 -0.16 -0.74 -9.39
CA ALA A 43 -0.09 -1.33 -10.72
C ALA A 43 1.24 -2.05 -10.92
N GLU A 44 1.22 -3.10 -11.72
CA GLU A 44 2.42 -3.89 -12.04
C GLU A 44 3.61 -3.01 -12.50
N PRO A 45 3.40 -2.04 -13.42
CA PRO A 45 4.47 -1.13 -13.86
C PRO A 45 5.06 -0.26 -12.72
N ASP A 46 4.41 -0.25 -11.57
CA ASP A 46 4.88 0.51 -10.42
C ASP A 46 5.28 -0.42 -9.29
N PHE A 47 5.58 -1.67 -9.63
CA PHE A 47 5.89 -2.71 -8.65
C PHE A 47 6.94 -2.27 -7.63
N THR A 48 8.13 -1.91 -8.12
CA THR A 48 9.24 -1.57 -7.24
C THR A 48 9.01 -0.23 -6.53
N ALA A 49 8.18 0.61 -7.13
CA ALA A 49 7.94 1.94 -6.60
C ALA A 49 7.18 1.87 -5.28
N ALA A 50 6.18 1.01 -5.23
CA ALA A 50 5.34 0.85 -4.03
C ALA A 50 6.20 0.61 -2.79
N VAL A 51 7.10 -0.36 -2.88
CA VAL A 51 7.95 -0.72 -1.75
C VAL A 51 8.86 0.43 -1.36
N TYR A 52 9.29 1.19 -2.36
CA TYR A 52 10.25 2.27 -2.14
C TYR A 52 9.59 3.48 -1.47
N TRP A 53 8.29 3.67 -1.71
CA TRP A 53 7.57 4.78 -1.12
C TRP A 53 7.25 4.52 0.35
N ILE A 54 7.27 3.25 0.74
CA ILE A 54 6.97 2.86 2.11
C ILE A 54 8.25 2.87 2.96
N LYS A 55 9.38 3.12 2.29
CA LYS A 55 10.70 3.03 2.93
C LYS A 55 10.80 3.89 4.20
N THR A 56 10.01 4.95 4.27
CA THR A 56 10.04 5.85 5.43
C THR A 56 9.46 5.20 6.68
N TYR A 57 8.64 4.16 6.48
CA TYR A 57 8.05 3.44 7.60
C TYR A 57 8.58 2.01 7.69
N GLN A 58 8.64 1.34 6.55
CA GLN A 58 9.06 -0.05 6.52
C GLN A 58 10.39 -0.16 5.80
N LYS A 1 -2.03 -4.49 -8.38
CA LYS A 1 -3.50 -4.63 -8.45
C LYS A 1 -4.02 -5.41 -7.24
N ASP A 2 -3.49 -6.61 -7.06
CA ASP A 2 -3.82 -7.45 -5.92
C ASP A 2 -2.55 -7.85 -5.19
N LYS A 3 -1.53 -7.01 -5.32
CA LYS A 3 -0.24 -7.25 -4.68
C LYS A 3 -0.25 -6.71 -3.26
N ASP A 4 0.14 -7.53 -2.30
CA ASP A 4 0.16 -7.11 -0.91
C ASP A 4 1.41 -6.28 -0.62
N LEU A 5 1.22 -5.14 0.03
CA LEU A 5 2.31 -4.24 0.33
C LEU A 5 2.64 -4.27 1.81
N LEU A 6 1.61 -4.32 2.64
CA LEU A 6 1.76 -4.24 4.08
C LEU A 6 1.31 -5.54 4.72
N LYS A 7 1.64 -5.72 5.99
CA LYS A 7 1.22 -6.90 6.72
C LYS A 7 0.68 -6.51 8.09
N GLY A 8 -0.61 -6.76 8.32
CA GLY A 8 -1.20 -6.57 9.63
C GLY A 8 -1.39 -5.11 10.03
N LEU A 9 -2.04 -4.34 9.16
CA LEU A 9 -2.40 -2.97 9.51
C LEU A 9 -3.91 -2.81 9.46
N ASP A 10 -4.43 -1.90 10.27
CA ASP A 10 -5.86 -1.66 10.33
C ASP A 10 -6.25 -0.54 9.35
N GLN A 11 -7.54 -0.26 9.25
CA GLN A 11 -8.06 0.71 8.31
C GLN A 11 -7.47 2.10 8.55
N GLU A 12 -7.66 2.62 9.76
CA GLU A 12 -7.16 3.95 10.11
C GLU A 12 -5.64 3.98 10.12
N GLN A 13 -5.03 2.82 10.31
CA GLN A 13 -3.57 2.72 10.37
C GLN A 13 -2.99 2.78 8.96
N ALA A 14 -3.75 2.26 8.00
CA ALA A 14 -3.33 2.24 6.61
C ALA A 14 -3.47 3.63 5.97
N ASN A 15 -4.28 4.48 6.60
CA ASN A 15 -4.52 5.83 6.10
C ASN A 15 -3.22 6.60 5.90
N GLU A 16 -2.30 6.45 6.84
CA GLU A 16 -1.00 7.10 6.73
C GLU A 16 -0.27 6.62 5.49
N VAL A 17 -0.28 5.31 5.28
CA VAL A 17 0.43 4.71 4.17
C VAL A 17 -0.20 5.08 2.83
N ILE A 18 -1.53 4.99 2.75
CA ILE A 18 -2.23 5.30 1.51
C ILE A 18 -2.05 6.78 1.15
N ALA A 19 -1.95 7.62 2.17
CA ALA A 19 -1.71 9.05 1.97
C ALA A 19 -0.31 9.26 1.40
N VAL A 20 0.67 8.54 1.94
CA VAL A 20 2.04 8.58 1.42
C VAL A 20 2.05 8.22 -0.06
N LEU A 21 1.46 7.07 -0.38
CA LEU A 21 1.38 6.61 -1.76
C LEU A 21 0.70 7.64 -2.65
N GLN A 22 -0.47 8.10 -2.23
CA GLN A 22 -1.24 9.05 -3.01
C GLN A 22 -0.50 10.39 -3.17
N MET A 23 0.18 10.80 -2.11
CA MET A 23 0.93 12.05 -2.12
C MET A 23 2.10 12.00 -3.09
N HIS A 24 2.57 10.79 -3.39
CA HIS A 24 3.67 10.62 -4.34
C HIS A 24 3.15 10.48 -5.76
N ASN A 25 1.87 10.78 -5.95
CA ASN A 25 1.23 10.84 -7.27
C ASN A 25 1.20 9.48 -7.96
N ILE A 26 1.16 8.41 -7.18
CA ILE A 26 1.01 7.08 -7.74
C ILE A 26 -0.35 6.51 -7.35
N GLU A 27 -0.96 5.73 -8.24
CA GLU A 27 -2.29 5.18 -7.99
C GLU A 27 -2.27 4.19 -6.83
N ALA A 28 -2.79 4.64 -5.70
CA ALA A 28 -2.88 3.81 -4.51
C ALA A 28 -4.28 3.24 -4.39
N ASN A 29 -4.39 1.93 -4.50
CA ASN A 29 -5.68 1.27 -4.44
C ASN A 29 -5.81 0.52 -3.10
N LYS A 30 -7.01 0.49 -2.57
CA LYS A 30 -7.29 -0.11 -1.27
C LYS A 30 -7.62 -1.59 -1.43
N ILE A 31 -6.87 -2.43 -0.73
CA ILE A 31 -7.13 -3.87 -0.72
C ILE A 31 -7.36 -4.38 0.70
N ASP A 32 -8.55 -4.91 0.94
CA ASP A 32 -8.87 -5.51 2.22
C ASP A 32 -8.97 -7.03 2.08
N SER A 33 -8.45 -7.75 3.05
CA SER A 33 -8.51 -9.21 3.06
C SER A 33 -8.35 -9.72 4.49
N GLY A 34 -8.93 -10.87 4.78
CA GLY A 34 -8.84 -11.43 6.12
C GLY A 34 -7.41 -11.71 6.55
N LYS A 35 -6.63 -12.28 5.64
CA LYS A 35 -5.25 -12.65 5.95
C LYS A 35 -4.33 -11.43 6.02
N LEU A 36 -4.80 -10.32 5.48
CA LEU A 36 -3.94 -9.17 5.28
C LEU A 36 -4.34 -7.99 6.17
N GLY A 37 -5.64 -7.79 6.31
CA GLY A 37 -6.15 -6.63 7.00
C GLY A 37 -6.42 -5.50 6.02
N TYR A 38 -5.83 -4.35 6.27
CA TYR A 38 -5.90 -3.24 5.34
C TYR A 38 -4.52 -2.90 4.83
N SER A 39 -4.36 -2.97 3.52
CA SER A 39 -3.09 -2.63 2.90
C SER A 39 -3.30 -1.87 1.61
N ILE A 40 -2.23 -1.34 1.07
CA ILE A 40 -2.29 -0.54 -0.15
C ILE A 40 -1.71 -1.32 -1.31
N THR A 41 -2.32 -1.20 -2.48
CA THR A 41 -1.78 -1.83 -3.66
C THR A 41 -1.63 -0.82 -4.78
N VAL A 42 -0.69 -1.08 -5.67
CA VAL A 42 -0.41 -0.18 -6.78
C VAL A 42 -0.29 -0.98 -8.07
N ALA A 43 -0.11 -0.27 -9.18
CA ALA A 43 0.14 -0.91 -10.46
C ALA A 43 1.25 -1.95 -10.33
N GLU A 44 1.08 -3.08 -11.01
CA GLU A 44 1.97 -4.23 -10.87
C GLU A 44 3.45 -3.85 -11.02
N PRO A 45 3.86 -3.21 -12.13
CA PRO A 45 5.28 -2.88 -12.36
C PRO A 45 5.77 -1.73 -11.48
N ASP A 46 4.85 -1.10 -10.75
CA ASP A 46 5.19 0.00 -9.87
C ASP A 46 5.24 -0.45 -8.42
N PHE A 47 5.21 -1.76 -8.22
CA PHE A 47 5.29 -2.33 -6.89
C PHE A 47 6.60 -1.93 -6.22
N THR A 48 7.66 -1.87 -7.01
CA THR A 48 8.97 -1.47 -6.51
C THR A 48 8.93 -0.03 -5.96
N ALA A 49 8.13 0.83 -6.60
CA ALA A 49 7.99 2.20 -6.16
C ALA A 49 7.23 2.26 -4.85
N ALA A 50 6.20 1.44 -4.73
CA ALA A 50 5.42 1.34 -3.50
C ALA A 50 6.31 1.00 -2.32
N VAL A 51 7.14 -0.02 -2.50
CA VAL A 51 8.08 -0.45 -1.46
C VAL A 51 9.09 0.67 -1.18
N TYR A 52 9.49 1.38 -2.23
CA TYR A 52 10.44 2.47 -2.11
C TYR A 52 9.88 3.58 -1.23
N TRP A 53 8.58 3.85 -1.36
CA TRP A 53 7.93 4.87 -0.55
C TRP A 53 7.79 4.42 0.89
N ILE A 54 7.63 3.11 1.09
CA ILE A 54 7.51 2.54 2.42
C ILE A 54 8.80 2.75 3.23
N LYS A 55 9.89 3.01 2.53
CA LYS A 55 11.18 3.22 3.19
C LYS A 55 11.19 4.48 4.05
N THR A 56 10.22 5.35 3.85
CA THR A 56 10.09 6.53 4.69
C THR A 56 9.30 6.21 5.96
N TYR A 57 8.89 4.94 6.08
CA TYR A 57 8.14 4.46 7.22
C TYR A 57 8.88 3.32 7.92
N GLN A 58 9.45 2.42 7.13
CA GLN A 58 10.15 1.26 7.66
C GLN A 58 11.52 1.12 6.97
N LYS A 1 -3.07 -7.55 -9.56
CA LYS A 1 -3.42 -6.37 -8.73
C LYS A 1 -3.91 -6.80 -7.34
N ASP A 2 -3.06 -7.57 -6.67
CA ASP A 2 -3.37 -8.08 -5.33
C ASP A 2 -2.08 -8.28 -4.54
N LYS A 3 -1.08 -7.46 -4.87
CA LYS A 3 0.22 -7.57 -4.21
C LYS A 3 0.16 -7.04 -2.80
N ASP A 4 0.40 -7.92 -1.84
CA ASP A 4 0.39 -7.54 -0.43
C ASP A 4 1.53 -6.59 -0.12
N LEU A 5 1.19 -5.48 0.53
CA LEU A 5 2.16 -4.46 0.86
C LEU A 5 2.39 -4.42 2.37
N LEU A 6 1.27 -4.46 3.10
CA LEU A 6 1.30 -4.40 4.56
C LEU A 6 0.30 -5.43 5.10
N LYS A 7 0.69 -6.12 6.15
CA LYS A 7 -0.13 -7.20 6.68
C LYS A 7 -0.66 -6.89 8.07
N GLY A 8 -1.97 -6.93 8.21
CA GLY A 8 -2.61 -6.70 9.49
C GLY A 8 -2.75 -5.22 9.80
N LEU A 9 -3.11 -4.45 8.79
CA LEU A 9 -3.27 -3.01 8.96
C LEU A 9 -4.72 -2.63 8.71
N ASP A 10 -5.30 -1.88 9.64
CA ASP A 10 -6.66 -1.39 9.47
C ASP A 10 -6.66 -0.18 8.54
N GLN A 11 -7.84 0.14 7.99
CA GLN A 11 -7.97 1.32 7.15
C GLN A 11 -7.67 2.57 7.97
N GLU A 12 -8.01 2.52 9.24
CA GLU A 12 -7.77 3.61 10.18
C GLU A 12 -6.27 3.87 10.32
N GLN A 13 -5.52 2.78 10.44
CA GLN A 13 -4.07 2.87 10.66
C GLN A 13 -3.34 3.07 9.34
N ALA A 14 -3.99 2.67 8.25
CA ALA A 14 -3.43 2.82 6.90
C ALA A 14 -3.22 4.30 6.57
N ASN A 15 -3.90 5.16 7.32
CA ASN A 15 -3.84 6.61 7.14
C ASN A 15 -2.40 7.11 6.99
N GLU A 16 -1.51 6.59 7.82
CA GLU A 16 -0.11 7.01 7.81
C GLU A 16 0.56 6.65 6.49
N VAL A 17 0.31 5.43 6.03
CA VAL A 17 0.98 4.91 4.86
C VAL A 17 0.36 5.45 3.57
N ILE A 18 -0.96 5.51 3.52
CA ILE A 18 -1.66 5.97 2.31
C ILE A 18 -1.30 7.41 2.00
N ALA A 19 -1.03 8.20 3.04
CA ALA A 19 -0.61 9.58 2.87
C ALA A 19 0.70 9.66 2.11
N VAL A 20 1.60 8.73 2.42
CA VAL A 20 2.91 8.66 1.75
C VAL A 20 2.72 8.43 0.26
N LEU A 21 1.99 7.36 -0.09
CA LEU A 21 1.75 7.02 -1.48
C LEU A 21 1.00 8.15 -2.19
N GLN A 22 -0.01 8.70 -1.52
CA GLN A 22 -0.83 9.77 -2.09
C GLN A 22 0.02 10.98 -2.45
N MET A 23 0.87 11.40 -1.51
CA MET A 23 1.70 12.59 -1.72
C MET A 23 2.73 12.37 -2.82
N HIS A 24 3.10 11.12 -3.06
CA HIS A 24 4.05 10.79 -4.12
C HIS A 24 3.35 10.70 -5.47
N ASN A 25 2.08 11.08 -5.49
CA ASN A 25 1.29 11.18 -6.73
C ASN A 25 1.13 9.83 -7.42
N ILE A 26 1.27 8.76 -6.65
CA ILE A 26 1.06 7.42 -7.17
C ILE A 26 -0.32 6.94 -6.75
N GLU A 27 -0.97 6.18 -7.62
CA GLU A 27 -2.36 5.77 -7.40
C GLU A 27 -2.47 4.79 -6.25
N ALA A 28 -3.31 5.11 -5.28
CA ALA A 28 -3.54 4.26 -4.13
C ALA A 28 -4.87 3.53 -4.25
N ASN A 29 -4.81 2.21 -4.38
CA ASN A 29 -6.02 1.40 -4.49
C ASN A 29 -6.15 0.49 -3.27
N LYS A 30 -7.36 0.06 -2.97
CA LYS A 30 -7.62 -0.79 -1.81
C LYS A 30 -7.47 -2.26 -2.14
N ILE A 31 -6.94 -3.02 -1.20
CA ILE A 31 -6.98 -4.48 -1.24
C ILE A 31 -7.16 -5.02 0.18
N ASP A 32 -8.37 -5.47 0.48
CA ASP A 32 -8.66 -6.04 1.80
C ASP A 32 -8.84 -7.55 1.69
N SER A 33 -8.16 -8.27 2.58
CA SER A 33 -8.26 -9.72 2.63
C SER A 33 -7.87 -10.20 4.03
N GLY A 34 -8.41 -11.33 4.45
CA GLY A 34 -8.12 -11.85 5.78
C GLY A 34 -6.63 -12.07 6.02
N LYS A 35 -5.97 -12.66 5.04
CA LYS A 35 -4.54 -12.95 5.12
C LYS A 35 -3.71 -11.66 5.06
N LEU A 36 -4.32 -10.60 4.58
CA LEU A 36 -3.58 -9.41 4.20
C LEU A 36 -3.89 -8.21 5.11
N GLY A 37 -5.17 -7.90 5.26
CA GLY A 37 -5.56 -6.68 5.92
C GLY A 37 -5.81 -5.57 4.91
N TYR A 38 -5.28 -4.40 5.18
CA TYR A 38 -5.32 -3.31 4.21
C TYR A 38 -3.93 -3.00 3.68
N SER A 39 -3.76 -3.14 2.39
CA SER A 39 -2.54 -2.72 1.72
C SER A 39 -2.86 -1.68 0.66
N ILE A 40 -1.84 -0.92 0.28
CA ILE A 40 -1.98 0.06 -0.78
C ILE A 40 -1.49 -0.55 -2.07
N THR A 41 -2.40 -0.99 -2.92
CA THR A 41 -2.00 -1.61 -4.16
C THR A 41 -1.95 -0.58 -5.27
N VAL A 42 -0.87 -0.62 -6.02
CA VAL A 42 -0.67 0.25 -7.15
C VAL A 42 -0.68 -0.58 -8.42
N ALA A 43 -0.61 0.07 -9.57
CA ALA A 43 -0.49 -0.64 -10.83
C ALA A 43 0.67 -1.63 -10.77
N GLU A 44 0.47 -2.78 -11.38
CA GLU A 44 1.42 -3.89 -11.27
C GLU A 44 2.84 -3.50 -11.67
N PRO A 45 3.06 -2.83 -12.83
CA PRO A 45 4.40 -2.37 -13.23
C PRO A 45 4.95 -1.26 -12.32
N ASP A 46 4.07 -0.67 -11.53
CA ASP A 46 4.44 0.44 -10.65
C ASP A 46 4.70 -0.04 -9.23
N PHE A 47 4.54 -1.34 -9.01
CA PHE A 47 4.72 -1.93 -7.69
C PHE A 47 6.13 -1.67 -7.14
N THR A 48 7.09 -1.58 -8.05
CA THR A 48 8.47 -1.32 -7.70
C THR A 48 8.61 -0.02 -6.90
N ALA A 49 7.91 1.02 -7.33
CA ALA A 49 7.96 2.31 -6.67
C ALA A 49 7.32 2.24 -5.30
N ALA A 50 6.18 1.56 -5.23
CA ALA A 50 5.43 1.42 -3.99
C ALA A 50 6.30 0.79 -2.90
N VAL A 51 6.99 -0.29 -3.26
CA VAL A 51 7.87 -0.97 -2.32
C VAL A 51 8.95 -0.02 -1.80
N TYR A 52 9.49 0.81 -2.69
CA TYR A 52 10.55 1.73 -2.34
C TYR A 52 10.05 2.80 -1.37
N TRP A 53 8.83 3.27 -1.59
CA TRP A 53 8.26 4.31 -0.74
C TRP A 53 8.00 3.78 0.66
N ILE A 54 7.66 2.49 0.75
CA ILE A 54 7.36 1.86 2.05
C ILE A 54 8.59 1.82 2.94
N LYS A 55 9.78 1.89 2.34
CA LYS A 55 11.02 1.84 3.10
C LYS A 55 11.14 3.03 4.04
N THR A 56 10.42 4.12 3.73
CA THR A 56 10.46 5.32 4.56
C THR A 56 9.59 5.16 5.80
N TYR A 57 8.74 4.14 5.79
CA TYR A 57 7.88 3.86 6.93
C TYR A 57 8.62 2.98 7.93
N GLN A 58 9.20 3.63 8.93
CA GLN A 58 9.96 2.94 9.95
C GLN A 58 9.72 3.59 11.30
N LYS A 1 -1.89 -7.49 -10.74
CA LYS A 1 -1.78 -6.24 -9.96
C LYS A 1 -1.80 -6.52 -8.46
N ASP A 2 -2.77 -7.33 -8.03
CA ASP A 2 -2.96 -7.61 -6.60
C ASP A 2 -1.72 -8.26 -5.98
N LYS A 3 -1.01 -7.49 -5.17
CA LYS A 3 0.16 -7.98 -4.47
C LYS A 3 0.28 -7.32 -3.11
N ASP A 4 0.86 -8.06 -2.17
CA ASP A 4 1.00 -7.60 -0.80
C ASP A 4 2.15 -6.60 -0.67
N LEU A 5 1.87 -5.50 0.00
CA LEU A 5 2.89 -4.51 0.30
C LEU A 5 3.18 -4.48 1.80
N LEU A 6 2.16 -4.82 2.58
CA LEU A 6 2.25 -4.77 4.04
C LEU A 6 1.68 -6.06 4.63
N LYS A 7 1.78 -6.21 5.95
CA LYS A 7 1.34 -7.44 6.60
C LYS A 7 0.63 -7.13 7.92
N GLY A 8 -0.59 -7.66 8.05
CA GLY A 8 -1.32 -7.57 9.31
C GLY A 8 -1.61 -6.14 9.74
N LEU A 9 -2.08 -5.33 8.81
CA LEU A 9 -2.37 -3.94 9.10
C LEU A 9 -3.87 -3.68 9.02
N ASP A 10 -4.38 -2.80 9.87
CA ASP A 10 -5.79 -2.46 9.84
C ASP A 10 -6.02 -1.24 8.94
N GLN A 11 -7.26 -1.06 8.52
CA GLN A 11 -7.65 0.06 7.68
C GLN A 11 -7.26 1.40 8.28
N GLU A 12 -7.33 1.50 9.62
CA GLU A 12 -7.00 2.74 10.30
C GLU A 12 -5.50 3.05 10.19
N GLN A 13 -4.69 2.01 10.20
CA GLN A 13 -3.25 2.16 10.14
C GLN A 13 -2.79 2.37 8.70
N ALA A 14 -3.58 1.83 7.76
CA ALA A 14 -3.28 1.96 6.34
C ALA A 14 -3.36 3.41 5.90
N ASN A 15 -4.11 4.22 6.66
CA ASN A 15 -4.22 5.66 6.38
C ASN A 15 -2.86 6.31 6.30
N GLU A 16 -1.97 5.91 7.21
CA GLU A 16 -0.63 6.49 7.30
C GLU A 16 0.17 6.18 6.04
N VAL A 17 -0.11 5.04 5.43
CA VAL A 17 0.65 4.58 4.28
C VAL A 17 0.03 5.10 2.98
N ILE A 18 -1.28 5.00 2.85
CA ILE A 18 -1.97 5.38 1.61
C ILE A 18 -1.77 6.85 1.30
N ALA A 19 -1.63 7.67 2.34
CA ALA A 19 -1.39 9.10 2.17
C ALA A 19 -0.06 9.34 1.49
N VAL A 20 0.90 8.47 1.74
CA VAL A 20 2.23 8.59 1.17
C VAL A 20 2.19 8.31 -0.34
N LEU A 21 1.51 7.24 -0.72
CA LEU A 21 1.41 6.84 -2.12
C LEU A 21 0.65 7.89 -2.93
N GLN A 22 -0.54 8.25 -2.46
CA GLN A 22 -1.37 9.21 -3.18
C GLN A 22 -0.70 10.57 -3.25
N MET A 23 0.14 10.88 -2.28
CA MET A 23 0.89 12.13 -2.28
C MET A 23 1.96 12.12 -3.36
N HIS A 24 2.55 10.96 -3.60
CA HIS A 24 3.65 10.85 -4.54
C HIS A 24 3.13 10.58 -5.96
N ASN A 25 1.84 10.84 -6.17
CA ASN A 25 1.23 10.76 -7.50
C ASN A 25 1.22 9.34 -8.06
N ILE A 26 1.23 8.35 -7.19
CA ILE A 26 1.14 6.97 -7.63
C ILE A 26 -0.19 6.36 -7.17
N GLU A 27 -0.91 5.76 -8.12
CA GLU A 27 -2.22 5.18 -7.83
C GLU A 27 -2.10 4.12 -6.74
N ALA A 28 -2.85 4.32 -5.67
CA ALA A 28 -2.80 3.41 -4.53
C ALA A 28 -4.15 2.75 -4.33
N ASN A 29 -4.20 1.44 -4.52
CA ASN A 29 -5.42 0.68 -4.34
C ASN A 29 -5.32 -0.12 -3.05
N LYS A 30 -6.46 -0.45 -2.47
CA LYS A 30 -6.49 -1.21 -1.23
C LYS A 30 -6.89 -2.64 -1.49
N ILE A 31 -6.15 -3.58 -0.92
CA ILE A 31 -6.53 -4.98 -1.01
C ILE A 31 -7.36 -5.39 0.19
N ASP A 32 -8.66 -5.51 -0.01
CA ASP A 32 -9.57 -5.97 1.02
C ASP A 32 -9.39 -7.47 1.24
N SER A 33 -8.67 -7.81 2.30
CA SER A 33 -8.43 -9.21 2.65
C SER A 33 -8.21 -9.32 4.15
N GLY A 34 -9.09 -10.05 4.82
CA GLY A 34 -9.04 -10.16 6.27
C GLY A 34 -7.81 -10.90 6.77
N LYS A 35 -7.33 -11.84 5.97
CA LYS A 35 -6.17 -12.64 6.35
C LYS A 35 -4.88 -11.85 6.15
N LEU A 36 -4.84 -11.04 5.11
CA LEU A 36 -3.64 -10.29 4.78
C LEU A 36 -3.60 -8.97 5.55
N GLY A 37 -4.75 -8.33 5.65
CA GLY A 37 -4.82 -7.02 6.26
C GLY A 37 -4.89 -5.96 5.19
N TYR A 38 -5.19 -4.74 5.57
CA TYR A 38 -5.27 -3.66 4.61
C TYR A 38 -3.88 -3.21 4.20
N SER A 39 -3.60 -3.37 2.92
CA SER A 39 -2.31 -3.02 2.36
C SER A 39 -2.51 -2.22 1.08
N ILE A 40 -1.43 -1.66 0.59
CA ILE A 40 -1.47 -0.83 -0.60
C ILE A 40 -1.01 -1.61 -1.82
N THR A 41 -1.89 -1.73 -2.79
CA THR A 41 -1.58 -2.41 -4.02
C THR A 41 -1.57 -1.41 -5.17
N VAL A 42 -0.54 -1.49 -6.01
CA VAL A 42 -0.35 -0.53 -7.08
C VAL A 42 -0.26 -1.21 -8.44
N ALA A 43 -0.22 -0.41 -9.49
CA ALA A 43 -0.07 -0.92 -10.84
C ALA A 43 1.21 -1.74 -10.99
N GLU A 44 1.18 -2.71 -11.89
CA GLU A 44 2.30 -3.63 -12.08
C GLU A 44 3.65 -2.90 -12.26
N PRO A 45 3.78 -1.95 -13.21
CA PRO A 45 5.05 -1.28 -13.47
C PRO A 45 5.50 -0.38 -12.32
N ASP A 46 4.58 -0.07 -11.40
CA ASP A 46 4.87 0.83 -10.30
C ASP A 46 5.00 0.09 -8.98
N PHE A 47 4.91 -1.24 -9.03
CA PHE A 47 4.95 -2.04 -7.81
C PHE A 47 6.25 -1.84 -7.06
N THR A 48 7.37 -1.94 -7.75
CA THR A 48 8.68 -1.79 -7.13
C THR A 48 8.86 -0.39 -6.53
N ALA A 49 8.19 0.59 -7.13
CA ALA A 49 8.27 1.96 -6.65
C ALA A 49 7.56 2.10 -5.31
N ALA A 50 6.37 1.51 -5.20
CA ALA A 50 5.61 1.54 -3.97
C ALA A 50 6.39 0.90 -2.83
N VAL A 51 7.09 -0.18 -3.13
CA VAL A 51 7.91 -0.88 -2.16
C VAL A 51 9.01 0.04 -1.62
N TYR A 52 9.52 0.89 -2.50
CA TYR A 52 10.61 1.80 -2.13
C TYR A 52 10.10 2.92 -1.23
N TRP A 53 8.86 3.35 -1.46
CA TRP A 53 8.28 4.45 -0.68
C TRP A 53 8.04 4.02 0.76
N ILE A 54 7.86 2.72 0.96
CA ILE A 54 7.61 2.17 2.29
C ILE A 54 8.86 2.30 3.17
N LYS A 55 10.02 2.40 2.54
CA LYS A 55 11.28 2.52 3.26
C LYS A 55 11.34 3.80 4.08
N THR A 56 10.70 4.85 3.57
CA THR A 56 10.74 6.15 4.21
C THR A 56 9.82 6.19 5.43
N TYR A 57 8.77 5.36 5.42
CA TYR A 57 7.82 5.35 6.51
C TYR A 57 8.42 4.69 7.75
N GLN A 58 8.40 5.41 8.85
CA GLN A 58 8.96 4.91 10.10
C GLN A 58 7.84 4.64 11.09
N LYS A 1 -1.48 -5.56 -9.61
CA LYS A 1 -2.72 -6.10 -8.99
C LYS A 1 -2.38 -7.14 -7.93
N ASP A 2 -3.27 -7.30 -6.96
CA ASP A 2 -3.17 -8.34 -5.92
C ASP A 2 -1.73 -8.56 -5.43
N LYS A 3 -1.20 -7.58 -4.74
CA LYS A 3 0.13 -7.69 -4.16
C LYS A 3 0.07 -7.45 -2.66
N ASP A 4 0.59 -8.39 -1.89
CA ASP A 4 0.55 -8.31 -0.43
C ASP A 4 1.49 -7.22 0.04
N LEU A 5 0.93 -6.10 0.46
CA LEU A 5 1.74 -4.97 0.90
C LEU A 5 1.89 -5.00 2.43
N LEU A 6 0.76 -4.89 3.11
CA LEU A 6 0.75 -4.85 4.56
C LEU A 6 0.03 -6.07 5.10
N LYS A 7 0.58 -6.67 6.15
CA LYS A 7 0.00 -7.87 6.70
C LYS A 7 -0.53 -7.60 8.10
N GLY A 8 -1.84 -7.71 8.27
CA GLY A 8 -2.43 -7.55 9.59
C GLY A 8 -2.78 -6.11 9.91
N LEU A 9 -2.17 -5.16 9.20
CA LEU A 9 -2.39 -3.75 9.45
C LEU A 9 -3.81 -3.35 9.07
N ASP A 10 -4.42 -2.52 9.89
CA ASP A 10 -5.77 -2.02 9.62
C ASP A 10 -5.69 -0.79 8.72
N GLN A 11 -6.81 -0.38 8.16
CA GLN A 11 -6.82 0.78 7.28
C GLN A 11 -6.59 2.07 8.06
N GLU A 12 -6.78 2.01 9.38
CA GLU A 12 -6.38 3.12 10.25
C GLU A 12 -4.89 3.40 10.07
N GLN A 13 -4.11 2.32 9.98
CA GLN A 13 -2.67 2.42 9.80
C GLN A 13 -2.35 2.61 8.33
N ALA A 14 -3.12 1.95 7.47
CA ALA A 14 -2.94 2.05 6.02
C ALA A 14 -3.21 3.47 5.53
N ASN A 15 -3.95 4.25 6.33
CA ASN A 15 -4.19 5.66 6.02
C ASN A 15 -2.87 6.40 5.85
N GLU A 16 -1.93 6.12 6.75
CA GLU A 16 -0.61 6.73 6.68
C GLU A 16 0.17 6.19 5.50
N VAL A 17 -0.09 4.93 5.17
CA VAL A 17 0.58 4.25 4.09
C VAL A 17 0.12 4.79 2.73
N ILE A 18 -1.19 4.84 2.51
CA ILE A 18 -1.71 5.30 1.24
C ILE A 18 -1.50 6.81 1.08
N ALA A 19 -1.36 7.51 2.21
CA ALA A 19 -1.13 8.95 2.18
C ALA A 19 0.19 9.28 1.50
N VAL A 20 1.24 8.54 1.83
CA VAL A 20 2.55 8.79 1.24
C VAL A 20 2.52 8.45 -0.26
N LEU A 21 1.71 7.46 -0.63
CA LEU A 21 1.54 7.10 -2.03
C LEU A 21 0.91 8.24 -2.80
N GLN A 22 -0.19 8.77 -2.25
CA GLN A 22 -0.91 9.88 -2.88
C GLN A 22 0.00 11.10 -3.05
N MET A 23 0.83 11.35 -2.04
CA MET A 23 1.72 12.52 -2.06
C MET A 23 2.91 12.30 -2.99
N HIS A 24 3.04 11.11 -3.56
CA HIS A 24 4.09 10.83 -4.53
C HIS A 24 3.49 10.59 -5.92
N ASN A 25 2.18 10.86 -6.05
CA ASN A 25 1.48 10.86 -7.33
C ASN A 25 1.48 9.47 -7.98
N ILE A 26 1.59 8.43 -7.16
CA ILE A 26 1.57 7.07 -7.66
C ILE A 26 0.16 6.49 -7.54
N GLU A 27 -0.18 5.58 -8.43
CA GLU A 27 -1.48 4.92 -8.39
C GLU A 27 -1.59 4.04 -7.15
N ALA A 28 -2.75 4.09 -6.50
CA ALA A 28 -2.95 3.35 -5.26
C ALA A 28 -4.30 2.65 -5.29
N ASN A 29 -4.29 1.33 -5.16
CA ASN A 29 -5.52 0.55 -5.13
C ASN A 29 -5.77 0.00 -3.74
N LYS A 30 -7.03 -0.20 -3.42
CA LYS A 30 -7.41 -0.65 -2.09
C LYS A 30 -7.77 -2.14 -2.11
N ILE A 31 -7.04 -2.94 -1.35
CA ILE A 31 -7.37 -4.36 -1.24
C ILE A 31 -7.53 -4.78 0.22
N ASP A 32 -8.72 -5.23 0.56
CA ASP A 32 -8.99 -5.80 1.87
C ASP A 32 -9.19 -7.29 1.74
N SER A 33 -8.64 -8.05 2.68
CA SER A 33 -8.79 -9.50 2.68
C SER A 33 -8.66 -10.02 4.11
N GLY A 34 -9.46 -11.03 4.43
CA GLY A 34 -9.46 -11.58 5.78
C GLY A 34 -8.09 -12.08 6.22
N LYS A 35 -7.37 -12.73 5.32
CA LYS A 35 -6.08 -13.32 5.67
C LYS A 35 -4.95 -12.29 5.59
N LEU A 36 -5.22 -11.15 4.99
CA LEU A 36 -4.18 -10.17 4.71
C LEU A 36 -4.35 -8.92 5.57
N GLY A 37 -5.59 -8.51 5.77
CA GLY A 37 -5.87 -7.26 6.44
C GLY A 37 -6.19 -6.17 5.44
N TYR A 38 -5.48 -5.06 5.53
CA TYR A 38 -5.66 -3.98 4.57
C TYR A 38 -4.33 -3.64 3.91
N SER A 39 -4.29 -3.79 2.60
CA SER A 39 -3.09 -3.45 1.85
C SER A 39 -3.41 -2.44 0.75
N ILE A 40 -2.38 -1.75 0.30
CA ILE A 40 -2.51 -0.82 -0.81
C ILE A 40 -1.74 -1.39 -2.00
N THR A 41 -2.46 -1.98 -2.94
CA THR A 41 -1.81 -2.64 -4.05
C THR A 41 -1.61 -1.68 -5.22
N VAL A 42 -0.59 -1.94 -6.01
CA VAL A 42 -0.27 -1.14 -7.18
C VAL A 42 -0.14 -2.05 -8.39
N ALA A 43 0.02 -1.45 -9.56
CA ALA A 43 0.31 -2.23 -10.75
C ALA A 43 1.68 -2.88 -10.64
N GLU A 44 1.87 -3.98 -11.36
CA GLU A 44 3.12 -4.73 -11.31
C GLU A 44 4.35 -3.85 -11.60
N PRO A 45 4.33 -3.01 -12.66
CA PRO A 45 5.45 -2.10 -12.95
C PRO A 45 5.69 -1.07 -11.84
N ASP A 46 4.68 -0.85 -11.01
CA ASP A 46 4.77 0.15 -9.94
C ASP A 46 5.08 -0.53 -8.60
N PHE A 47 5.24 -1.84 -8.62
CA PHE A 47 5.48 -2.62 -7.40
C PHE A 47 6.73 -2.12 -6.68
N THR A 48 7.80 -1.90 -7.43
CA THR A 48 9.05 -1.47 -6.84
C THR A 48 8.94 -0.05 -6.25
N ALA A 49 7.99 0.72 -6.76
CA ALA A 49 7.80 2.08 -6.30
C ALA A 49 7.03 2.10 -4.98
N ALA A 50 6.00 1.26 -4.89
CA ALA A 50 5.19 1.15 -3.68
C ALA A 50 6.06 0.87 -2.46
N VAL A 51 6.89 -0.17 -2.58
CA VAL A 51 7.80 -0.55 -1.49
C VAL A 51 8.76 0.59 -1.16
N TYR A 52 9.21 1.30 -2.18
CA TYR A 52 10.13 2.42 -2.01
C TYR A 52 9.49 3.52 -1.16
N TRP A 53 8.20 3.78 -1.38
CA TRP A 53 7.48 4.80 -0.62
C TRP A 53 7.31 4.36 0.83
N ILE A 54 7.05 3.08 1.03
CA ILE A 54 6.84 2.53 2.36
C ILE A 54 8.13 2.60 3.19
N LYS A 55 9.26 2.52 2.50
CA LYS A 55 10.56 2.58 3.15
C LYS A 55 10.76 3.92 3.85
N THR A 56 10.26 4.99 3.23
CA THR A 56 10.40 6.33 3.80
C THR A 56 9.36 6.61 4.88
N TYR A 57 8.48 5.64 5.12
CA TYR A 57 7.53 5.73 6.22
C TYR A 57 8.20 5.27 7.52
N GLN A 58 9.16 4.37 7.38
CA GLN A 58 9.81 3.76 8.53
C GLN A 58 10.77 4.75 9.18
N LYS A 1 -1.89 -7.41 -10.67
CA LYS A 1 -2.19 -6.10 -10.03
C LYS A 1 -2.07 -6.20 -8.51
N ASP A 2 -3.04 -6.88 -7.89
CA ASP A 2 -3.15 -6.91 -6.44
C ASP A 2 -2.07 -7.77 -5.80
N LYS A 3 -1.03 -7.11 -5.33
CA LYS A 3 0.01 -7.74 -4.52
C LYS A 3 -0.06 -7.14 -3.12
N ASP A 4 0.17 -7.95 -2.09
CA ASP A 4 0.04 -7.47 -0.73
C ASP A 4 1.28 -6.68 -0.29
N LEU A 5 1.12 -5.37 -0.22
CA LEU A 5 2.19 -4.46 0.18
C LEU A 5 2.41 -4.51 1.68
N LEU A 6 1.31 -4.57 2.41
CA LEU A 6 1.32 -4.58 3.86
C LEU A 6 0.53 -5.77 4.35
N LYS A 7 0.82 -6.24 5.55
CA LYS A 7 0.15 -7.42 6.06
C LYS A 7 -0.27 -7.21 7.52
N GLY A 8 -1.57 -7.23 7.75
CA GLY A 8 -2.07 -7.16 9.11
C GLY A 8 -2.34 -5.74 9.57
N LEU A 9 -2.86 -4.91 8.67
CA LEU A 9 -3.17 -3.53 9.03
C LEU A 9 -4.67 -3.27 8.97
N ASP A 10 -5.10 -2.24 9.68
CA ASP A 10 -6.49 -1.81 9.68
C ASP A 10 -6.65 -0.59 8.80
N GLN A 11 -7.86 -0.07 8.72
CA GLN A 11 -8.15 1.15 7.98
C GLN A 11 -7.37 2.33 8.57
N GLU A 12 -7.18 2.30 9.88
CA GLU A 12 -6.54 3.38 10.61
C GLU A 12 -5.11 3.62 10.15
N GLN A 13 -4.29 2.57 10.23
CA GLN A 13 -2.88 2.68 9.88
C GLN A 13 -2.69 2.95 8.39
N ALA A 14 -3.71 2.57 7.61
CA ALA A 14 -3.67 2.76 6.17
C ALA A 14 -3.69 4.24 5.79
N ASN A 15 -4.15 5.09 6.71
CA ASN A 15 -4.20 6.52 6.47
C ASN A 15 -2.79 7.08 6.33
N GLU A 16 -1.90 6.65 7.21
CA GLU A 16 -0.50 7.05 7.15
C GLU A 16 0.15 6.53 5.87
N VAL A 17 -0.21 5.31 5.51
CA VAL A 17 0.37 4.66 4.35
C VAL A 17 -0.07 5.32 3.05
N ILE A 18 -1.38 5.47 2.87
CA ILE A 18 -1.92 6.00 1.61
C ILE A 18 -1.40 7.43 1.36
N ALA A 19 -1.01 8.11 2.43
CA ALA A 19 -0.47 9.46 2.33
C ALA A 19 0.81 9.49 1.50
N VAL A 20 1.68 8.50 1.70
CA VAL A 20 2.96 8.49 0.99
C VAL A 20 2.74 8.13 -0.48
N LEU A 21 1.70 7.34 -0.78
CA LEU A 21 1.35 7.04 -2.15
C LEU A 21 0.76 8.28 -2.82
N GLN A 22 -0.15 8.94 -2.12
CA GLN A 22 -0.80 10.15 -2.62
C GLN A 22 0.22 11.24 -2.92
N MET A 23 1.15 11.44 -1.98
CA MET A 23 2.17 12.48 -2.13
C MET A 23 3.01 12.30 -3.38
N HIS A 24 3.30 11.06 -3.74
CA HIS A 24 4.14 10.80 -4.91
C HIS A 24 3.29 10.60 -6.15
N ASN A 25 1.98 10.76 -5.99
CA ASN A 25 1.04 10.76 -7.12
C ASN A 25 0.99 9.41 -7.83
N ILE A 26 1.35 8.36 -7.11
CA ILE A 26 1.32 7.01 -7.67
C ILE A 26 -0.07 6.40 -7.48
N GLU A 27 -0.49 5.57 -8.43
CA GLU A 27 -1.80 4.94 -8.37
C GLU A 27 -1.89 4.01 -7.16
N ALA A 28 -2.89 4.25 -6.32
CA ALA A 28 -3.07 3.45 -5.12
C ALA A 28 -4.46 2.86 -5.06
N ASN A 29 -4.53 1.54 -4.89
CA ASN A 29 -5.79 0.83 -4.78
C ASN A 29 -5.90 0.17 -3.41
N LYS A 30 -7.10 -0.26 -3.07
CA LYS A 30 -7.34 -0.92 -1.79
C LYS A 30 -7.38 -2.43 -1.96
N ILE A 31 -6.79 -3.14 -1.01
CA ILE A 31 -6.89 -4.59 -0.97
C ILE A 31 -7.34 -5.06 0.42
N ASP A 32 -8.60 -5.42 0.50
CA ASP A 32 -9.15 -5.97 1.73
C ASP A 32 -9.28 -7.49 1.59
N SER A 33 -8.68 -8.21 2.52
CA SER A 33 -8.73 -9.67 2.51
C SER A 33 -8.62 -10.20 3.94
N GLY A 34 -8.97 -11.47 4.14
CA GLY A 34 -8.93 -12.04 5.48
C GLY A 34 -7.53 -12.20 6.01
N LYS A 35 -6.62 -12.63 5.13
CA LYS A 35 -5.21 -12.80 5.49
C LYS A 35 -4.54 -11.46 5.77
N LEU A 36 -5.11 -10.40 5.23
CA LEU A 36 -4.39 -9.13 5.14
C LEU A 36 -5.01 -8.04 6.02
N GLY A 37 -6.32 -7.94 5.98
CA GLY A 37 -7.00 -6.82 6.60
C GLY A 37 -7.22 -5.72 5.60
N TYR A 38 -6.78 -4.51 5.93
CA TYR A 38 -6.83 -3.39 5.01
C TYR A 38 -5.42 -2.94 4.66
N SER A 39 -5.08 -3.02 3.39
CA SER A 39 -3.75 -2.63 2.94
C SER A 39 -3.82 -1.92 1.59
N ILE A 40 -2.67 -1.48 1.11
CA ILE A 40 -2.59 -0.76 -0.16
C ILE A 40 -1.95 -1.63 -1.23
N THR A 41 -2.42 -1.48 -2.45
CA THR A 41 -1.77 -2.09 -3.58
C THR A 41 -1.69 -1.06 -4.69
N VAL A 42 -0.77 -1.23 -5.62
CA VAL A 42 -0.52 -0.22 -6.64
C VAL A 42 -0.42 -0.85 -8.02
N ALA A 43 -0.31 0.00 -9.05
CA ALA A 43 -0.11 -0.46 -10.41
C ALA A 43 1.06 -1.44 -10.49
N GLU A 44 0.91 -2.45 -11.33
CA GLU A 44 1.88 -3.55 -11.42
C GLU A 44 3.32 -3.04 -11.66
N PRO A 45 3.56 -2.16 -12.66
CA PRO A 45 4.90 -1.63 -12.92
C PRO A 45 5.40 -0.73 -11.78
N ASP A 46 4.47 -0.16 -11.03
CA ASP A 46 4.80 0.79 -9.98
C ASP A 46 4.87 0.13 -8.61
N PHE A 47 4.72 -1.19 -8.57
CA PHE A 47 4.70 -1.91 -7.29
C PHE A 47 6.04 -1.79 -6.58
N THR A 48 7.11 -1.78 -7.36
CA THR A 48 8.45 -1.60 -6.80
C THR A 48 8.58 -0.25 -6.10
N ALA A 49 7.79 0.72 -6.55
CA ALA A 49 7.80 2.06 -5.97
C ALA A 49 7.05 2.07 -4.64
N ALA A 50 5.94 1.33 -4.58
CA ALA A 50 5.16 1.20 -3.35
C ALA A 50 6.04 0.73 -2.21
N VAL A 51 6.84 -0.29 -2.47
CA VAL A 51 7.77 -0.83 -1.47
C VAL A 51 8.77 0.23 -1.03
N TYR A 52 9.21 1.04 -1.99
CA TYR A 52 10.16 2.11 -1.73
C TYR A 52 9.58 3.12 -0.75
N TRP A 53 8.33 3.52 -1.00
CA TRP A 53 7.67 4.53 -0.18
C TRP A 53 7.41 3.99 1.23
N ILE A 54 7.04 2.72 1.31
CA ILE A 54 6.76 2.10 2.60
C ILE A 54 8.06 1.87 3.38
N LYS A 55 9.14 1.66 2.63
CA LYS A 55 10.46 1.52 3.24
C LYS A 55 10.90 2.84 3.88
N THR A 56 10.33 3.93 3.37
CA THR A 56 10.61 5.26 3.89
C THR A 56 9.83 5.49 5.20
N TYR A 57 8.75 4.75 5.37
CA TYR A 57 7.94 4.83 6.59
C TYR A 57 8.67 4.12 7.72
N GLN A 58 8.93 4.85 8.79
CA GLN A 58 9.62 4.29 9.95
C GLN A 58 8.66 4.12 11.11
N LYS A 1 -2.66 -6.44 -11.31
CA LYS A 1 -2.99 -5.93 -9.97
C LYS A 1 -2.70 -7.02 -8.92
N ASP A 2 -3.13 -6.78 -7.68
CA ASP A 2 -2.95 -7.73 -6.58
C ASP A 2 -1.47 -7.94 -6.27
N LYS A 3 -0.92 -7.04 -5.46
CA LYS A 3 0.44 -7.17 -4.99
C LYS A 3 0.47 -7.09 -3.47
N ASP A 4 0.88 -8.18 -2.83
CA ASP A 4 0.92 -8.27 -1.38
C ASP A 4 1.95 -7.30 -0.83
N LEU A 5 1.47 -6.21 -0.24
CA LEU A 5 2.36 -5.18 0.31
C LEU A 5 2.44 -5.29 1.83
N LEU A 6 1.29 -5.13 2.48
CA LEU A 6 1.23 -5.10 3.93
C LEU A 6 0.50 -6.33 4.44
N LYS A 7 0.64 -6.63 5.73
CA LYS A 7 0.01 -7.81 6.31
C LYS A 7 -0.67 -7.46 7.63
N GLY A 8 -1.97 -7.77 7.71
CA GLY A 8 -2.72 -7.56 8.93
C GLY A 8 -2.75 -6.11 9.39
N LEU A 9 -3.28 -5.23 8.55
CA LEU A 9 -3.32 -3.82 8.87
C LEU A 9 -4.74 -3.28 8.80
N ASP A 10 -5.04 -2.27 9.62
CA ASP A 10 -6.36 -1.66 9.62
C ASP A 10 -6.46 -0.59 8.56
N GLN A 11 -7.66 -0.04 8.38
CA GLN A 11 -7.90 0.95 7.33
C GLN A 11 -7.28 2.30 7.70
N GLU A 12 -7.43 2.69 8.96
CA GLU A 12 -6.88 3.94 9.44
C GLU A 12 -5.34 3.91 9.38
N GLN A 13 -4.78 2.72 9.52
CA GLN A 13 -3.34 2.55 9.41
C GLN A 13 -2.93 2.50 7.94
N ALA A 14 -3.77 1.88 7.12
CA ALA A 14 -3.54 1.84 5.68
C ALA A 14 -3.57 3.24 5.09
N ASN A 15 -4.34 4.12 5.74
CA ASN A 15 -4.41 5.52 5.34
C ASN A 15 -3.03 6.17 5.39
N GLU A 16 -2.27 5.86 6.43
CA GLU A 16 -0.94 6.42 6.60
C GLU A 16 -0.01 5.92 5.52
N VAL A 17 -0.22 4.68 5.11
CA VAL A 17 0.59 4.07 4.08
C VAL A 17 0.20 4.60 2.69
N ILE A 18 -1.09 4.58 2.38
CA ILE A 18 -1.56 5.05 1.08
C ILE A 18 -1.22 6.54 0.89
N ALA A 19 -1.06 7.23 2.01
CA ALA A 19 -0.69 8.64 1.98
C ALA A 19 0.64 8.86 1.26
N VAL A 20 1.63 8.00 1.53
CA VAL A 20 2.94 8.15 0.92
C VAL A 20 2.89 7.78 -0.57
N LEU A 21 2.02 6.84 -0.91
CA LEU A 21 1.82 6.45 -2.30
C LEU A 21 1.10 7.55 -3.07
N GLN A 22 -0.06 7.95 -2.54
CA GLN A 22 -0.90 8.95 -3.18
C GLN A 22 -0.18 10.29 -3.28
N MET A 23 0.71 10.55 -2.32
CA MET A 23 1.52 11.77 -2.30
C MET A 23 2.36 11.88 -3.58
N HIS A 24 2.91 10.75 -4.03
CA HIS A 24 3.75 10.73 -5.21
C HIS A 24 2.94 10.46 -6.46
N ASN A 25 1.62 10.47 -6.29
CA ASN A 25 0.67 10.34 -7.40
C ASN A 25 0.86 9.03 -8.17
N ILE A 26 1.26 7.98 -7.46
CA ILE A 26 1.37 6.66 -8.05
C ILE A 26 0.00 5.99 -8.00
N GLU A 27 -0.28 5.13 -8.97
CA GLU A 27 -1.57 4.45 -9.02
C GLU A 27 -1.73 3.48 -7.86
N ALA A 28 -2.41 3.95 -6.83
CA ALA A 28 -2.67 3.13 -5.65
C ALA A 28 -4.08 2.57 -5.71
N ASN A 29 -4.18 1.25 -5.60
CA ASN A 29 -5.47 0.57 -5.61
C ASN A 29 -5.69 -0.08 -4.24
N LYS A 30 -6.94 -0.29 -3.87
CA LYS A 30 -7.28 -0.83 -2.57
C LYS A 30 -7.53 -2.33 -2.65
N ILE A 31 -6.99 -3.09 -1.70
CA ILE A 31 -7.20 -4.54 -1.65
C ILE A 31 -7.67 -4.99 -0.28
N ASP A 32 -8.74 -5.77 -0.26
CA ASP A 32 -9.27 -6.33 0.97
C ASP A 32 -9.01 -7.83 1.02
N SER A 33 -8.43 -8.31 2.12
CA SER A 33 -8.22 -9.74 2.31
C SER A 33 -8.18 -10.06 3.81
N GLY A 34 -8.27 -11.34 4.15
CA GLY A 34 -8.34 -11.73 5.55
C GLY A 34 -7.00 -11.62 6.26
N LYS A 35 -5.96 -12.18 5.66
CA LYS A 35 -4.62 -12.19 6.28
C LYS A 35 -3.96 -10.83 6.15
N LEU A 36 -4.51 -10.02 5.25
CA LEU A 36 -3.91 -8.75 4.89
C LEU A 36 -4.67 -7.59 5.55
N GLY A 37 -5.97 -7.76 5.71
CA GLY A 37 -6.79 -6.69 6.24
C GLY A 37 -7.01 -5.61 5.21
N TYR A 38 -6.54 -4.42 5.52
CA TYR A 38 -6.59 -3.32 4.57
C TYR A 38 -5.17 -2.90 4.21
N SER A 39 -4.83 -3.01 2.94
CA SER A 39 -3.50 -2.66 2.47
C SER A 39 -3.56 -2.08 1.07
N ILE A 40 -2.40 -1.68 0.57
CA ILE A 40 -2.31 -0.98 -0.69
C ILE A 40 -1.67 -1.85 -1.76
N THR A 41 -2.23 -1.81 -2.96
CA THR A 41 -1.58 -2.41 -4.11
C THR A 41 -1.37 -1.33 -5.16
N VAL A 42 -0.26 -1.39 -5.86
CA VAL A 42 0.05 -0.37 -6.85
C VAL A 42 0.03 -0.96 -8.25
N ALA A 43 0.19 -0.10 -9.24
CA ALA A 43 0.25 -0.50 -10.64
C ALA A 43 1.16 -1.72 -10.83
N GLU A 44 0.79 -2.57 -11.78
CA GLU A 44 1.42 -3.87 -11.98
C GLU A 44 2.96 -3.79 -12.00
N PRO A 45 3.58 -2.95 -12.87
CA PRO A 45 5.02 -2.88 -12.99
C PRO A 45 5.64 -1.83 -12.08
N ASP A 46 4.80 -1.14 -11.30
CA ASP A 46 5.27 -0.02 -10.49
C ASP A 46 5.42 -0.43 -9.03
N PHE A 47 5.41 -1.73 -8.77
CA PHE A 47 5.55 -2.26 -7.42
C PHE A 47 6.90 -1.84 -6.83
N THR A 48 7.87 -1.62 -7.71
CA THR A 48 9.20 -1.20 -7.30
C THR A 48 9.17 0.15 -6.57
N ALA A 49 8.22 1.00 -6.94
CA ALA A 49 8.07 2.30 -6.30
C ALA A 49 7.40 2.15 -4.95
N ALA A 50 6.41 1.27 -4.89
CA ALA A 50 5.69 0.99 -3.65
C ALA A 50 6.66 0.65 -2.52
N VAL A 51 7.53 -0.31 -2.79
CA VAL A 51 8.52 -0.74 -1.80
C VAL A 51 9.43 0.42 -1.40
N TYR A 52 9.78 1.25 -2.38
CA TYR A 52 10.69 2.37 -2.16
C TYR A 52 10.03 3.43 -1.27
N TRP A 53 8.75 3.68 -1.50
CA TRP A 53 8.02 4.66 -0.71
C TRP A 53 7.77 4.13 0.70
N ILE A 54 7.51 2.83 0.81
CA ILE A 54 7.32 2.21 2.12
C ILE A 54 8.64 2.23 2.90
N LYS A 55 9.75 2.06 2.18
CA LYS A 55 11.08 2.16 2.78
C LYS A 55 11.31 3.56 3.33
N THR A 56 10.58 4.53 2.79
CA THR A 56 10.68 5.91 3.23
C THR A 56 9.69 6.18 4.37
N TYR A 57 8.69 5.31 4.50
CA TYR A 57 7.69 5.44 5.56
C TYR A 57 8.26 4.93 6.88
N GLN A 58 9.03 3.85 6.81
CA GLN A 58 9.60 3.26 8.01
C GLN A 58 10.97 3.84 8.32
N LYS A 1 -1.47 -6.36 -11.00
CA LYS A 1 -1.63 -5.16 -10.14
C LYS A 1 -1.86 -5.53 -8.68
N ASP A 2 -1.73 -6.81 -8.34
CA ASP A 2 -2.01 -7.23 -6.97
C ASP A 2 -0.77 -7.83 -6.31
N LYS A 3 -0.09 -7.01 -5.55
CA LYS A 3 1.10 -7.44 -4.84
C LYS A 3 1.01 -7.03 -3.37
N ASP A 4 1.52 -7.87 -2.49
CA ASP A 4 1.50 -7.58 -1.07
C ASP A 4 2.65 -6.66 -0.70
N LEU A 5 2.32 -5.40 -0.46
CA LEU A 5 3.30 -4.41 -0.05
C LEU A 5 3.44 -4.39 1.47
N LEU A 6 2.35 -4.73 2.13
CA LEU A 6 2.32 -4.73 3.59
C LEU A 6 1.85 -6.09 4.10
N LYS A 7 2.34 -6.49 5.25
CA LYS A 7 2.01 -7.80 5.81
C LYS A 7 1.19 -7.65 7.08
N GLY A 8 -0.04 -8.14 7.03
CA GLY A 8 -0.91 -8.12 8.20
C GLY A 8 -1.09 -6.73 8.78
N LEU A 9 -1.67 -5.83 8.00
CA LEU A 9 -1.93 -4.48 8.47
C LEU A 9 -3.41 -4.17 8.40
N ASP A 10 -3.87 -3.26 9.24
CA ASP A 10 -5.28 -2.84 9.22
C ASP A 10 -5.40 -1.50 8.49
N GLN A 11 -6.60 -1.18 8.04
CA GLN A 11 -6.85 0.03 7.28
C GLN A 11 -6.59 1.27 8.14
N GLU A 12 -6.78 1.14 9.45
CA GLU A 12 -6.52 2.24 10.39
C GLU A 12 -5.07 2.72 10.28
N GLN A 13 -4.16 1.76 10.19
CA GLN A 13 -2.74 2.05 10.18
C GLN A 13 -2.25 2.33 8.77
N ALA A 14 -3.02 1.86 7.78
CA ALA A 14 -2.70 2.07 6.37
C ALA A 14 -2.77 3.55 6.01
N ASN A 15 -3.45 4.33 6.85
CA ASN A 15 -3.63 5.76 6.61
C ASN A 15 -2.29 6.48 6.39
N GLU A 16 -1.28 6.08 7.14
CA GLU A 16 0.03 6.71 7.02
C GLU A 16 0.72 6.24 5.75
N VAL A 17 0.48 4.99 5.37
CA VAL A 17 1.11 4.39 4.22
C VAL A 17 0.50 4.91 2.91
N ILE A 18 -0.83 4.87 2.83
CA ILE A 18 -1.54 5.27 1.61
C ILE A 18 -1.23 6.73 1.25
N ALA A 19 -0.88 7.52 2.27
CA ALA A 19 -0.60 8.93 2.07
C ALA A 19 0.59 9.13 1.13
N VAL A 20 1.60 8.27 1.24
CA VAL A 20 2.81 8.43 0.45
C VAL A 20 2.54 8.02 -1.01
N LEU A 21 1.60 7.11 -1.21
CA LEU A 21 1.25 6.67 -2.55
C LEU A 21 0.41 7.73 -3.26
N GLN A 22 -0.69 8.12 -2.63
CA GLN A 22 -1.62 9.07 -3.22
C GLN A 22 -0.94 10.41 -3.50
N MET A 23 -0.08 10.84 -2.58
CA MET A 23 0.65 12.10 -2.73
C MET A 23 1.50 12.07 -3.99
N HIS A 24 2.14 10.94 -4.25
CA HIS A 24 3.05 10.81 -5.39
C HIS A 24 2.29 10.52 -6.67
N ASN A 25 0.96 10.44 -6.58
CA ASN A 25 0.08 10.24 -7.74
C ASN A 25 0.29 8.87 -8.37
N ILE A 26 0.77 7.91 -7.59
CA ILE A 26 0.86 6.54 -8.07
C ILE A 26 -0.43 5.80 -7.70
N GLU A 27 -0.99 5.09 -8.67
CA GLU A 27 -2.27 4.41 -8.48
C GLU A 27 -2.19 3.38 -7.36
N ALA A 28 -2.89 3.65 -6.27
CA ALA A 28 -2.90 2.75 -5.12
C ALA A 28 -4.27 2.12 -4.95
N ASN A 29 -4.30 0.81 -4.76
CA ASN A 29 -5.56 0.10 -4.57
C ASN A 29 -5.47 -0.75 -3.30
N LYS A 30 -6.56 -1.38 -2.91
CA LYS A 30 -6.59 -2.17 -1.68
C LYS A 30 -6.54 -3.66 -2.01
N ILE A 31 -5.65 -4.38 -1.34
CA ILE A 31 -5.69 -5.84 -1.40
C ILE A 31 -6.61 -6.36 -0.30
N ASP A 32 -7.89 -6.50 -0.65
CA ASP A 32 -8.90 -6.92 0.31
C ASP A 32 -8.84 -8.42 0.56
N SER A 33 -8.38 -8.79 1.74
CA SER A 33 -8.30 -10.18 2.14
C SER A 33 -8.35 -10.27 3.66
N GLY A 34 -9.23 -11.11 4.20
CA GLY A 34 -9.35 -11.23 5.65
C GLY A 34 -8.07 -11.73 6.29
N LYS A 35 -7.34 -12.58 5.58
CA LYS A 35 -6.10 -13.15 6.09
C LYS A 35 -4.95 -12.14 5.94
N LEU A 36 -5.21 -11.06 5.22
CA LEU A 36 -4.18 -10.06 4.97
C LEU A 36 -4.49 -8.78 5.76
N GLY A 37 -5.76 -8.39 5.74
CA GLY A 37 -6.17 -7.15 6.34
C GLY A 37 -6.45 -6.11 5.28
N TYR A 38 -5.85 -4.94 5.43
CA TYR A 38 -5.93 -3.90 4.42
C TYR A 38 -4.57 -3.30 4.19
N SER A 39 -4.09 -3.42 2.96
CA SER A 39 -2.79 -2.93 2.60
C SER A 39 -2.81 -2.35 1.20
N ILE A 40 -1.72 -1.71 0.82
CA ILE A 40 -1.64 -1.01 -0.46
C ILE A 40 -1.12 -1.94 -1.54
N THR A 41 -1.84 -1.99 -2.66
CA THR A 41 -1.37 -2.69 -3.83
C THR A 41 -1.41 -1.75 -5.03
N VAL A 42 -0.32 -1.69 -5.76
CA VAL A 42 -0.21 -0.82 -6.91
C VAL A 42 0.03 -1.64 -8.16
N ALA A 43 0.02 -0.98 -9.32
CA ALA A 43 0.40 -1.62 -10.56
C ALA A 43 1.73 -2.34 -10.37
N GLU A 44 1.78 -3.60 -10.78
CA GLU A 44 2.93 -4.44 -10.50
C GLU A 44 4.26 -3.88 -11.06
N PRO A 45 4.28 -3.29 -12.28
CA PRO A 45 5.47 -2.57 -12.76
C PRO A 45 5.90 -1.44 -11.82
N ASP A 46 4.92 -0.78 -11.22
CA ASP A 46 5.17 0.36 -10.34
C ASP A 46 5.45 -0.10 -8.91
N PHE A 47 5.45 -1.40 -8.68
CA PHE A 47 5.67 -1.95 -7.34
C PHE A 47 7.06 -1.57 -6.82
N THR A 48 8.00 -1.42 -7.74
CA THR A 48 9.35 -1.03 -7.38
C THR A 48 9.38 0.37 -6.76
N ALA A 49 8.41 1.20 -7.13
CA ALA A 49 8.29 2.53 -6.56
C ALA A 49 7.67 2.45 -5.17
N ALA A 50 6.63 1.62 -5.04
CA ALA A 50 5.94 1.40 -3.77
C ALA A 50 6.94 0.97 -2.69
N VAL A 51 7.80 0.00 -3.04
CA VAL A 51 8.81 -0.49 -2.12
C VAL A 51 9.75 0.63 -1.67
N TYR A 52 10.11 1.50 -2.62
CA TYR A 52 11.04 2.58 -2.34
C TYR A 52 10.40 3.63 -1.42
N TRP A 53 9.11 3.88 -1.61
CA TRP A 53 8.41 4.84 -0.78
C TRP A 53 8.29 4.32 0.65
N ILE A 54 7.95 3.04 0.79
CA ILE A 54 7.78 2.42 2.09
C ILE A 54 9.14 2.25 2.78
N LYS A 55 10.20 2.19 1.97
CA LYS A 55 11.56 2.09 2.50
C LYS A 55 11.93 3.37 3.25
N THR A 56 11.19 4.43 2.99
CA THR A 56 11.43 5.71 3.66
C THR A 56 10.54 5.83 4.90
N TYR A 57 9.63 4.87 5.06
CA TYR A 57 8.70 4.87 6.17
C TYR A 57 9.25 4.02 7.31
N GLN A 58 9.73 4.67 8.36
CA GLN A 58 10.29 3.97 9.51
C GLN A 58 10.15 4.82 10.76
N LYS A 1 -0.79 -6.54 -9.89
CA LYS A 1 -1.68 -6.00 -8.83
C LYS A 1 -1.93 -7.08 -7.79
N ASP A 2 -2.95 -6.86 -6.95
CA ASP A 2 -3.41 -7.84 -5.93
C ASP A 2 -2.26 -8.44 -5.13
N LYS A 3 -1.32 -7.61 -4.69
CA LYS A 3 -0.20 -8.10 -3.91
C LYS A 3 -0.14 -7.42 -2.55
N ASP A 4 0.09 -8.22 -1.52
CA ASP A 4 0.11 -7.73 -0.13
C ASP A 4 1.27 -6.77 0.09
N LEU A 5 0.97 -5.49 0.19
CA LEU A 5 1.99 -4.48 0.44
C LEU A 5 2.27 -4.38 1.93
N LEU A 6 1.22 -4.46 2.73
CA LEU A 6 1.33 -4.32 4.16
C LEU A 6 0.72 -5.53 4.86
N LYS A 7 1.29 -5.93 5.98
CA LYS A 7 0.78 -7.07 6.74
C LYS A 7 0.33 -6.65 8.12
N GLY A 8 -0.96 -6.78 8.40
CA GLY A 8 -1.47 -6.53 9.74
C GLY A 8 -1.98 -5.11 9.92
N LEU A 9 -1.53 -4.20 9.07
CA LEU A 9 -1.96 -2.80 9.17
C LEU A 9 -3.44 -2.67 8.84
N ASP A 10 -4.12 -1.79 9.57
CA ASP A 10 -5.55 -1.60 9.39
C ASP A 10 -5.82 -0.35 8.56
N GLN A 11 -7.09 -0.07 8.31
CA GLN A 11 -7.50 1.07 7.49
C GLN A 11 -7.02 2.38 8.12
N GLU A 12 -7.19 2.47 9.43
CA GLU A 12 -6.79 3.65 10.19
C GLU A 12 -5.27 3.86 10.13
N GLN A 13 -4.52 2.77 10.00
CA GLN A 13 -3.06 2.86 9.94
C GLN A 13 -2.59 3.10 8.51
N ALA A 14 -3.40 2.64 7.55
CA ALA A 14 -3.06 2.78 6.14
C ALA A 14 -3.10 4.24 5.69
N ASN A 15 -3.78 5.07 6.47
CA ASN A 15 -3.93 6.50 6.16
C ASN A 15 -2.57 7.15 5.88
N GLU A 16 -1.57 6.83 6.70
CA GLU A 16 -0.24 7.41 6.55
C GLU A 16 0.44 6.85 5.31
N VAL A 17 0.18 5.57 5.03
CA VAL A 17 0.79 4.89 3.90
C VAL A 17 0.25 5.39 2.57
N ILE A 18 -1.06 5.54 2.48
CA ILE A 18 -1.68 6.00 1.25
C ILE A 18 -1.36 7.49 1.02
N ALA A 19 -1.12 8.21 2.12
CA ALA A 19 -0.79 9.63 2.02
C ALA A 19 0.56 9.84 1.34
N VAL A 20 1.59 9.17 1.84
CA VAL A 20 2.92 9.30 1.28
C VAL A 20 2.95 8.78 -0.16
N LEU A 21 2.08 7.82 -0.43
CA LEU A 21 1.96 7.26 -1.77
C LEU A 21 1.36 8.30 -2.72
N GLN A 22 0.26 8.91 -2.30
CA GLN A 22 -0.41 9.94 -3.08
C GLN A 22 0.52 11.13 -3.34
N MET A 23 1.45 11.36 -2.41
CA MET A 23 2.42 12.44 -2.54
C MET A 23 3.31 12.25 -3.77
N HIS A 24 3.36 11.03 -4.28
CA HIS A 24 4.14 10.73 -5.48
C HIS A 24 3.23 10.56 -6.69
N ASN A 25 1.93 10.83 -6.49
CA ASN A 25 0.93 10.79 -7.57
C ASN A 25 0.85 9.41 -8.21
N ILE A 26 1.24 8.40 -7.47
CA ILE A 26 1.20 7.03 -7.96
C ILE A 26 -0.17 6.41 -7.68
N GLU A 27 -0.61 5.49 -8.52
CA GLU A 27 -1.91 4.85 -8.38
C GLU A 27 -2.06 4.21 -7.00
N ALA A 28 -3.28 4.27 -6.47
CA ALA A 28 -3.54 3.77 -5.12
C ALA A 28 -4.85 2.99 -5.08
N ASN A 29 -4.75 1.73 -4.68
CA ASN A 29 -5.92 0.86 -4.59
C ASN A 29 -5.93 0.14 -3.24
N LYS A 30 -7.08 0.10 -2.59
CA LYS A 30 -7.16 -0.51 -1.26
C LYS A 30 -7.54 -1.98 -1.38
N ILE A 31 -6.71 -2.86 -0.85
CA ILE A 31 -7.03 -4.27 -0.76
C ILE A 31 -7.23 -4.68 0.69
N ASP A 32 -8.46 -5.00 1.04
CA ASP A 32 -8.77 -5.44 2.39
C ASP A 32 -9.07 -6.93 2.40
N SER A 33 -8.59 -7.61 3.44
CA SER A 33 -8.81 -9.03 3.60
C SER A 33 -8.58 -9.43 5.06
N GLY A 34 -9.33 -10.41 5.53
CA GLY A 34 -9.18 -10.86 6.91
C GLY A 34 -7.80 -11.43 7.19
N LYS A 35 -7.14 -11.91 6.14
CA LYS A 35 -5.80 -12.48 6.27
C LYS A 35 -4.73 -11.42 6.06
N LEU A 36 -5.15 -10.26 5.60
CA LEU A 36 -4.22 -9.23 5.16
C LEU A 36 -4.30 -7.98 6.05
N GLY A 37 -5.52 -7.51 6.27
CA GLY A 37 -5.72 -6.22 6.87
C GLY A 37 -6.10 -5.21 5.80
N TYR A 38 -5.35 -4.11 5.73
CA TYR A 38 -5.53 -3.13 4.68
C TYR A 38 -4.19 -2.80 4.03
N SER A 39 -4.08 -3.06 2.74
CA SER A 39 -2.89 -2.71 1.98
C SER A 39 -3.24 -1.83 0.80
N ILE A 40 -2.22 -1.18 0.26
CA ILE A 40 -2.38 -0.35 -0.91
C ILE A 40 -1.73 -1.03 -2.10
N THR A 41 -2.53 -1.67 -2.94
CA THR A 41 -2.00 -2.34 -4.10
C THR A 41 -1.89 -1.37 -5.26
N VAL A 42 -0.85 -1.51 -6.04
CA VAL A 42 -0.64 -0.67 -7.18
C VAL A 42 -0.56 -1.51 -8.46
N ALA A 43 -0.48 -0.84 -9.59
CA ALA A 43 -0.38 -1.53 -10.88
C ALA A 43 0.95 -2.25 -11.01
N GLU A 44 1.06 -3.07 -12.05
CA GLU A 44 2.26 -3.88 -12.28
C GLU A 44 3.54 -3.03 -12.33
N PRO A 45 3.62 -2.00 -13.21
CA PRO A 45 4.83 -1.19 -13.33
C PRO A 45 5.05 -0.27 -12.13
N ASP A 46 4.00 -0.08 -11.34
CA ASP A 46 4.07 0.82 -10.19
C ASP A 46 4.51 0.08 -8.93
N PHE A 47 4.54 -1.25 -9.01
CA PHE A 47 4.83 -2.07 -7.84
C PHE A 47 6.19 -1.73 -7.24
N THR A 48 7.20 -1.61 -8.09
CA THR A 48 8.55 -1.32 -7.63
C THR A 48 8.64 0.07 -7.02
N ALA A 49 7.79 0.99 -7.49
CA ALA A 49 7.77 2.34 -6.96
C ALA A 49 7.17 2.36 -5.57
N ALA A 50 6.04 1.67 -5.41
CA ALA A 50 5.35 1.58 -4.11
C ALA A 50 6.31 1.14 -3.00
N VAL A 51 7.08 0.10 -3.29
CA VAL A 51 8.04 -0.44 -2.32
C VAL A 51 9.05 0.63 -1.91
N TYR A 52 9.50 1.42 -2.88
CA TYR A 52 10.50 2.45 -2.63
C TYR A 52 9.93 3.53 -1.71
N TRP A 53 8.69 3.92 -1.97
CA TRP A 53 8.06 4.99 -1.20
C TRP A 53 7.88 4.56 0.26
N ILE A 54 7.36 3.34 0.46
CA ILE A 54 7.09 2.84 1.79
C ILE A 54 8.37 2.56 2.56
N LYS A 55 9.44 2.24 1.83
CA LYS A 55 10.75 1.97 2.43
C LYS A 55 11.24 3.19 3.20
N THR A 56 10.81 4.37 2.75
CA THR A 56 11.23 5.61 3.39
C THR A 56 10.58 5.78 4.76
N TYR A 57 9.45 5.10 4.96
CA TYR A 57 8.68 5.23 6.19
C TYR A 57 9.21 4.30 7.27
N GLN A 58 9.54 3.08 6.86
CA GLN A 58 9.96 2.04 7.80
C GLN A 58 11.47 1.86 7.77
N LYS A 1 -4.41 -3.40 -10.61
CA LYS A 1 -4.05 -4.82 -10.36
C LYS A 1 -3.99 -5.07 -8.85
N ASP A 2 -4.35 -6.29 -8.46
CA ASP A 2 -4.28 -6.67 -7.06
C ASP A 2 -2.88 -7.09 -6.67
N LYS A 3 -2.37 -6.45 -5.64
CA LYS A 3 -1.08 -6.79 -5.06
C LYS A 3 -1.10 -6.39 -3.59
N ASP A 4 -1.03 -7.35 -2.68
CA ASP A 4 -1.17 -7.01 -1.27
C ASP A 4 0.15 -6.51 -0.70
N LEU A 5 0.21 -5.20 -0.51
CA LEU A 5 1.40 -4.52 -0.02
C LEU A 5 1.57 -4.73 1.48
N LEU A 6 0.52 -4.41 2.22
CA LEU A 6 0.54 -4.54 3.67
C LEU A 6 -0.03 -5.89 4.07
N LYS A 7 -0.12 -6.14 5.37
CA LYS A 7 -0.73 -7.35 5.90
C LYS A 7 -0.95 -7.22 7.40
N GLY A 8 -2.20 -7.27 7.82
CA GLY A 8 -2.51 -7.22 9.24
C GLY A 8 -2.84 -5.83 9.75
N LEU A 9 -3.00 -4.89 8.83
CA LEU A 9 -3.33 -3.52 9.21
C LEU A 9 -4.78 -3.21 8.88
N ASP A 10 -5.39 -2.33 9.68
CA ASP A 10 -6.75 -1.89 9.43
C ASP A 10 -6.72 -0.54 8.72
N GLN A 11 -7.88 -0.03 8.35
CA GLN A 11 -7.99 1.17 7.53
C GLN A 11 -7.47 2.40 8.25
N GLU A 12 -7.68 2.45 9.56
CA GLU A 12 -7.21 3.57 10.38
C GLU A 12 -5.70 3.77 10.26
N GLN A 13 -4.95 2.68 10.28
CA GLN A 13 -3.51 2.74 10.18
C GLN A 13 -3.07 2.75 8.72
N ALA A 14 -3.91 2.20 7.85
CA ALA A 14 -3.65 2.21 6.41
C ALA A 14 -3.73 3.63 5.86
N ASN A 15 -4.41 4.51 6.61
CA ASN A 15 -4.50 5.92 6.25
C ASN A 15 -3.12 6.54 6.16
N GLU A 16 -2.25 6.19 7.10
CA GLU A 16 -0.86 6.66 7.10
C GLU A 16 -0.14 6.20 5.84
N VAL A 17 -0.45 4.98 5.42
CA VAL A 17 0.19 4.36 4.27
C VAL A 17 -0.29 4.99 2.97
N ILE A 18 -1.60 5.08 2.80
CA ILE A 18 -2.15 5.62 1.56
C ILE A 18 -1.90 7.12 1.46
N ALA A 19 -1.66 7.76 2.60
CA ALA A 19 -1.37 9.18 2.63
C ALA A 19 -0.12 9.50 1.80
N VAL A 20 0.94 8.72 2.01
CA VAL A 20 2.19 8.95 1.32
C VAL A 20 2.05 8.61 -0.17
N LEU A 21 1.19 7.64 -0.47
CA LEU A 21 0.92 7.27 -1.86
C LEU A 21 0.15 8.36 -2.58
N GLN A 22 -0.93 8.82 -1.97
CA GLN A 22 -1.79 9.85 -2.56
C GLN A 22 -1.02 11.17 -2.70
N MET A 23 -0.17 11.45 -1.73
CA MET A 23 0.64 12.66 -1.74
C MET A 23 1.54 12.72 -2.97
N HIS A 24 2.11 11.58 -3.35
CA HIS A 24 3.00 11.52 -4.50
C HIS A 24 2.22 11.35 -5.79
N ASN A 25 0.90 11.24 -5.67
CA ASN A 25 0.00 11.14 -6.82
C ASN A 25 0.30 9.89 -7.64
N ILE A 26 0.27 8.74 -6.99
CA ILE A 26 0.46 7.47 -7.66
C ILE A 26 -0.87 6.76 -7.82
N GLU A 27 -1.01 5.97 -8.88
CA GLU A 27 -2.23 5.21 -9.11
C GLU A 27 -2.37 4.14 -8.04
N ALA A 28 -3.23 4.41 -7.07
CA ALA A 28 -3.45 3.50 -5.96
C ALA A 28 -4.88 2.97 -5.97
N ASN A 29 -5.02 1.70 -5.63
CA ASN A 29 -6.33 1.05 -5.60
C ASN A 29 -6.53 0.40 -4.22
N LYS A 30 -7.78 0.22 -3.83
CA LYS A 30 -8.11 -0.31 -2.50
C LYS A 30 -8.37 -1.81 -2.56
N ILE A 31 -7.62 -2.57 -1.77
CA ILE A 31 -7.79 -4.02 -1.71
C ILE A 31 -8.22 -4.46 -0.32
N ASP A 32 -9.44 -4.98 -0.23
CA ASP A 32 -9.94 -5.56 1.01
C ASP A 32 -10.06 -7.07 0.87
N SER A 33 -9.59 -7.80 1.88
CA SER A 33 -9.63 -9.27 1.86
C SER A 33 -9.53 -9.81 3.29
N GLY A 34 -10.09 -10.99 3.51
CA GLY A 34 -10.06 -11.60 4.84
C GLY A 34 -8.65 -11.86 5.33
N LYS A 35 -7.80 -12.40 4.45
CA LYS A 35 -6.41 -12.66 4.78
C LYS A 35 -5.66 -11.37 5.05
N LEU A 36 -6.15 -10.30 4.46
CA LEU A 36 -5.39 -9.07 4.35
C LEU A 36 -5.81 -8.01 5.37
N GLY A 37 -7.11 -7.77 5.46
CA GLY A 37 -7.60 -6.66 6.23
C GLY A 37 -7.71 -5.43 5.36
N TYR A 38 -6.84 -4.47 5.57
CA TYR A 38 -6.80 -3.28 4.75
C TYR A 38 -5.39 -3.03 4.24
N SER A 39 -5.25 -2.90 2.93
CA SER A 39 -3.96 -2.59 2.32
C SER A 39 -4.15 -1.80 1.04
N ILE A 40 -3.06 -1.29 0.51
CA ILE A 40 -3.10 -0.49 -0.71
C ILE A 40 -2.42 -1.25 -1.84
N THR A 41 -2.96 -1.16 -3.03
CA THR A 41 -2.36 -1.80 -4.18
C THR A 41 -2.16 -0.79 -5.29
N VAL A 42 -1.22 -1.09 -6.18
CA VAL A 42 -0.92 -0.22 -7.32
C VAL A 42 -0.62 -1.08 -8.54
N ALA A 43 -0.46 -0.44 -9.70
CA ALA A 43 -0.03 -1.14 -10.90
C ALA A 43 1.24 -1.94 -10.61
N GLU A 44 1.31 -3.16 -11.13
CA GLU A 44 2.41 -4.06 -10.78
C GLU A 44 3.79 -3.48 -11.14
N PRO A 45 3.99 -2.91 -12.35
CA PRO A 45 5.26 -2.25 -12.71
C PRO A 45 5.57 -1.04 -11.82
N ASP A 46 4.58 -0.58 -11.07
CA ASP A 46 4.76 0.56 -10.18
C ASP A 46 4.79 0.12 -8.72
N PHE A 47 4.73 -1.19 -8.52
CA PHE A 47 4.77 -1.76 -7.17
C PHE A 47 6.09 -1.42 -6.48
N THR A 48 7.14 -1.29 -7.29
CA THR A 48 8.46 -0.94 -6.79
C THR A 48 8.44 0.45 -6.15
N ALA A 49 7.56 1.31 -6.63
CA ALA A 49 7.43 2.66 -6.09
C ALA A 49 6.76 2.62 -4.73
N ALA A 50 5.73 1.78 -4.61
CA ALA A 50 5.02 1.59 -3.35
C ALA A 50 5.99 1.21 -2.25
N VAL A 51 6.94 0.33 -2.58
CA VAL A 51 7.96 -0.11 -1.64
C VAL A 51 8.81 1.06 -1.15
N TYR A 52 9.18 1.94 -2.08
CA TYR A 52 9.99 3.11 -1.76
C TYR A 52 9.29 4.02 -0.75
N TRP A 53 7.99 4.22 -0.96
CA TRP A 53 7.21 5.10 -0.11
C TRP A 53 7.15 4.55 1.31
N ILE A 54 6.83 3.27 1.43
CA ILE A 54 6.62 2.65 2.73
C ILE A 54 7.93 2.50 3.50
N LYS A 55 9.05 2.45 2.77
CA LYS A 55 10.36 2.32 3.41
C LYS A 55 10.65 3.53 4.32
N THR A 56 9.93 4.62 4.07
CA THR A 56 10.09 5.84 4.86
C THR A 56 9.50 5.67 6.26
N TYR A 57 8.61 4.69 6.40
CA TYR A 57 7.92 4.46 7.67
C TYR A 57 8.80 3.64 8.61
N GLN A 58 9.22 4.27 9.69
CA GLN A 58 10.07 3.63 10.69
C GLN A 58 9.26 2.65 11.53
#